data_6T2S
#
_entry.id   6T2S
#
_cell.length_a   156.620
_cell.length_b   156.620
_cell.length_c   197.051
_cell.angle_alpha   90.000
_cell.angle_beta   90.000
_cell.angle_gamma   120.000
#
_symmetry.space_group_name_H-M   'P 61 2 2'
#
loop_
_entity.id
_entity.type
_entity.pdbx_description
1 polymer 'Glycoside hydrolase family 16 protein'
2 branched beta-D-galactopyranose-(1-4)-2-acetamido-2-deoxy-beta-D-glucopyranose-(1-3)-beta-D-galactopyranose
#
_entity_poly.entity_id   1
_entity_poly.type   'polypeptide(L)'
_entity_poly.pdbx_seq_one_letter_code
;SVLFVDSFDGSSVVPDTAVWKLCTYANNAWSQWFRDVNGYENVKVEDGYLKLRACKDNGTYKNGGVFSKIGFPCGTRLEV
KARLTKLVRGGFPAIWQMPIGAPEWPRGGEIDLMEWVQGTPLQIYQTVHTYYINGANGSAGVTNKNPDKNFDVTKDHVYA
VERTEKEVIFYVDGKETWRYGNQYLDEGKLQYPFCEYPFNIILNFSLGGELNGRMTWSGEICDEDLPGEMWVDWVRVVSL
N
;
_entity_poly.pdbx_strand_id   AAA,BBB,CCC
#
# COMPACT_ATOMS: atom_id res chain seq x y z
N SER A 1 2.11 5.55 42.05
CA SER A 1 2.18 6.75 41.13
C SER A 1 1.82 6.34 39.68
N VAL A 2 0.60 5.81 39.47
CA VAL A 2 0.21 4.75 38.48
C VAL A 2 -0.21 5.35 37.15
N LEU A 3 0.59 5.26 36.11
CA LEU A 3 0.34 6.06 34.88
C LEU A 3 -0.77 5.45 34.02
N PHE A 4 -0.71 4.15 33.82
CA PHE A 4 -1.73 3.41 33.05
C PHE A 4 -1.78 1.97 33.56
N VAL A 5 -2.95 1.34 33.44
CA VAL A 5 -3.20 0.00 34.04
C VAL A 5 -4.42 -0.66 33.39
N ASP A 6 -4.25 -1.94 33.03
CA ASP A 6 -5.28 -2.87 32.50
C ASP A 6 -5.18 -4.17 33.31
N SER A 7 -6.24 -4.58 34.00
CA SER A 7 -6.29 -5.87 34.73
C SER A 7 -7.29 -6.81 34.03
N PHE A 8 -7.69 -6.44 32.82
CA PHE A 8 -8.55 -7.23 31.91
C PHE A 8 -9.77 -7.77 32.66
N ASP A 9 -10.32 -7.01 33.61
CA ASP A 9 -11.54 -7.47 34.32
C ASP A 9 -12.65 -6.46 34.05
N GLY A 10 -12.84 -6.18 32.76
CA GLY A 10 -13.84 -5.21 32.29
C GLY A 10 -15.18 -5.85 32.01
N SER A 11 -16.11 -4.97 31.61
CA SER A 11 -17.49 -5.30 31.15
C SER A 11 -17.38 -6.36 30.04
N SER A 12 -16.25 -6.45 29.31
CA SER A 12 -16.12 -6.82 27.86
C SER A 12 -15.20 -8.01 27.62
N VAL A 13 -15.25 -8.58 26.41
CA VAL A 13 -14.73 -9.92 26.03
C VAL A 13 -13.46 -9.80 25.22
N VAL A 14 -13.04 -8.57 24.97
CA VAL A 14 -11.82 -8.25 24.15
C VAL A 14 -11.18 -7.00 24.70
N PRO A 15 -9.86 -6.93 24.66
CA PRO A 15 -9.12 -5.85 25.27
C PRO A 15 -9.59 -4.52 24.68
N ASP A 16 -9.90 -3.63 25.61
CA ASP A 16 -10.52 -2.29 25.42
C ASP A 16 -10.03 -1.62 24.12
N THR A 17 -10.82 -1.64 23.05
CA THR A 17 -10.47 -0.99 21.76
C THR A 17 -10.04 0.48 21.90
N ALA A 18 -10.35 1.16 23.00
CA ALA A 18 -9.92 2.56 23.26
C ALA A 18 -8.39 2.61 23.19
N VAL A 19 -7.75 1.63 23.84
CA VAL A 19 -6.31 1.55 24.22
C VAL A 19 -5.56 0.54 23.34
N TRP A 20 -6.11 -0.66 23.11
CA TRP A 20 -5.44 -1.81 22.43
C TRP A 20 -5.93 -2.05 20.98
N LYS A 21 -4.98 -2.06 20.04
CA LYS A 21 -5.09 -2.61 18.67
C LYS A 21 -4.45 -4.00 18.54
N LEU A 22 -4.89 -4.76 17.53
CA LEU A 22 -4.46 -6.13 17.14
C LEU A 22 -3.21 -6.02 16.26
N CYS A 23 -2.19 -6.88 16.48
CA CYS A 23 -0.96 -6.95 15.64
C CYS A 23 -1.33 -7.33 14.21
N THR A 24 -0.48 -7.07 13.24
CA THR A 24 -0.85 -7.18 11.81
C THR A 24 0.29 -7.75 10.98
N TYR A 25 -0.01 -8.13 9.73
CA TYR A 25 0.92 -8.94 8.90
C TYR A 25 2.18 -8.10 8.78
N ALA A 26 3.33 -8.74 8.86
CA ALA A 26 4.60 -8.16 8.41
C ALA A 26 5.54 -9.29 7.97
N ASN A 27 6.33 -9.06 6.92
CA ASN A 27 7.24 -10.08 6.36
C ASN A 27 8.44 -10.19 7.29
N ASN A 28 8.21 -10.55 8.55
CA ASN A 28 9.25 -10.96 9.51
C ASN A 28 8.73 -12.15 10.30
N ALA A 29 9.44 -12.61 11.33
CA ALA A 29 9.26 -13.92 12.03
C ALA A 29 8.03 -13.96 12.93
N TRP A 30 7.96 -12.97 13.83
CA TRP A 30 6.83 -12.79 14.77
C TRP A 30 5.55 -12.41 14.04
N SER A 31 5.61 -11.43 13.13
CA SER A 31 4.46 -10.81 12.42
C SER A 31 3.89 -11.67 11.28
N GLN A 32 4.49 -12.81 10.93
CA GLN A 32 4.23 -13.50 9.64
C GLN A 32 2.81 -14.03 9.61
N TRP A 33 2.40 -14.53 10.75
CA TRP A 33 1.26 -15.47 10.88
C TRP A 33 0.07 -14.71 11.44
N PHE A 34 0.20 -13.37 11.45
CA PHE A 34 -0.90 -12.40 11.62
C PHE A 34 -1.76 -12.35 10.34
N ARG A 35 -1.16 -12.11 9.19
CA ARG A 35 -1.90 -12.26 7.91
C ARG A 35 -2.93 -13.38 8.07
N ASP A 36 -4.20 -13.04 7.87
CA ASP A 36 -5.28 -14.05 7.75
C ASP A 36 -5.83 -14.40 9.15
N VAL A 37 -5.48 -13.65 10.18
CA VAL A 37 -6.18 -13.75 11.50
C VAL A 37 -7.47 -12.97 11.37
N ASN A 38 -8.60 -13.66 11.43
CA ASN A 38 -9.97 -13.07 11.33
C ASN A 38 -10.32 -12.42 12.67
N GLY A 39 -9.98 -11.13 12.73
CA GLY A 39 -10.32 -10.18 13.79
C GLY A 39 -9.69 -10.62 15.08
N TYR A 40 -10.51 -10.95 16.06
CA TYR A 40 -10.11 -11.06 17.48
C TYR A 40 -10.07 -12.57 17.82
N GLU A 41 -9.87 -13.45 16.85
CA GLU A 41 -10.21 -14.89 17.00
C GLU A 41 -9.15 -15.54 17.89
N ASN A 42 -8.00 -14.90 18.07
CA ASN A 42 -6.89 -15.46 18.88
C ASN A 42 -6.70 -14.60 20.15
N VAL A 43 -7.58 -13.62 20.38
CA VAL A 43 -7.46 -12.63 21.48
C VAL A 43 -8.81 -12.54 22.17
N LYS A 44 -8.90 -12.95 23.45
CA LYS A 44 -10.08 -12.64 24.31
C LYS A 44 -9.67 -12.25 25.73
N VAL A 45 -10.67 -11.74 26.44
CA VAL A 45 -10.70 -11.40 27.90
C VAL A 45 -11.84 -12.19 28.55
N GLU A 46 -11.55 -12.75 29.73
CA GLU A 46 -12.16 -13.96 30.34
C GLU A 46 -11.44 -14.22 31.66
N ASP A 47 -12.21 -14.44 32.73
CA ASP A 47 -11.80 -14.39 34.16
C ASP A 47 -10.49 -13.64 34.34
N GLY A 48 -10.42 -12.38 33.89
CA GLY A 48 -9.44 -11.39 34.40
C GLY A 48 -8.04 -11.52 33.82
N TYR A 49 -7.92 -12.28 32.73
CA TYR A 49 -6.69 -12.50 31.96
C TYR A 49 -6.91 -12.04 30.51
N LEU A 50 -5.96 -11.31 29.92
CA LEU A 50 -5.89 -11.17 28.45
C LEU A 50 -5.31 -12.47 27.90
N LYS A 51 -6.07 -13.24 27.13
CA LYS A 51 -5.65 -14.58 26.67
C LYS A 51 -5.29 -14.53 25.19
N LEU A 52 -4.00 -14.62 24.88
CA LEU A 52 -3.47 -14.52 23.50
C LEU A 52 -3.13 -15.92 23.02
N ARG A 53 -3.62 -16.28 21.85
CA ARG A 53 -3.62 -17.70 21.44
C ARG A 53 -2.91 -17.88 20.11
N ALA A 54 -2.30 -19.04 19.96
CA ALA A 54 -1.67 -19.52 18.72
C ALA A 54 -2.24 -20.90 18.36
N CYS A 55 -2.77 -21.04 17.16
CA CYS A 55 -3.44 -22.26 16.65
C CYS A 55 -2.97 -22.43 15.22
N LYS A 56 -3.35 -23.54 14.58
CA LYS A 56 -3.30 -23.68 13.12
C LYS A 56 -4.73 -23.96 12.69
N ASP A 57 -5.46 -22.95 12.21
CA ASP A 57 -6.84 -23.15 11.69
C ASP A 57 -6.75 -23.53 10.20
N ASN A 58 -7.08 -24.77 9.86
CA ASN A 58 -7.25 -25.21 8.45
C ASN A 58 -6.06 -24.79 7.60
N GLY A 59 -4.99 -25.54 7.81
CA GLY A 59 -3.76 -25.49 7.01
C GLY A 59 -2.82 -24.41 7.50
N THR A 60 -3.34 -23.24 7.91
CA THR A 60 -2.55 -21.97 8.01
C THR A 60 -2.53 -21.45 9.47
N TYR A 61 -1.36 -20.99 9.86
CA TYR A 61 -0.96 -20.71 11.25
C TYR A 61 -1.56 -19.37 11.67
N LYS A 62 -1.98 -19.23 12.92
CA LYS A 62 -2.56 -17.96 13.39
C LYS A 62 -1.93 -17.57 14.72
N ASN A 63 -1.35 -16.35 14.77
CA ASN A 63 -0.75 -15.64 15.94
C ASN A 63 -1.87 -14.90 16.70
N GLY A 64 -1.69 -14.69 18.01
CA GLY A 64 -2.55 -13.80 18.82
C GLY A 64 -1.78 -12.66 19.49
N GLY A 65 -2.05 -11.42 19.13
CA GLY A 65 -1.30 -10.31 19.73
C GLY A 65 -2.13 -9.06 19.76
N VAL A 66 -1.88 -8.18 20.75
CA VAL A 66 -2.24 -6.75 20.63
C VAL A 66 -1.05 -5.86 20.98
N PHE A 67 -1.22 -4.59 20.67
CA PHE A 67 -0.31 -3.54 21.12
C PHE A 67 -1.10 -2.29 21.48
N SER A 68 -0.54 -1.42 22.32
CA SER A 68 -1.16 -0.14 22.75
C SER A 68 -1.01 0.90 21.64
N LYS A 69 -2.10 1.63 21.41
CA LYS A 69 -2.13 2.90 20.64
C LYS A 69 -1.17 3.90 21.31
N ILE A 70 -1.24 3.94 22.64
CA ILE A 70 -0.63 4.97 23.51
C ILE A 70 0.79 4.51 23.80
N GLY A 71 1.67 5.45 24.09
CA GLY A 71 3.06 5.16 24.49
C GLY A 71 3.31 5.69 25.89
N PHE A 72 4.58 5.74 26.28
CA PHE A 72 5.00 6.23 27.60
C PHE A 72 6.43 6.73 27.52
N PRO A 73 6.73 7.78 28.29
CA PRO A 73 8.03 8.42 28.23
C PRO A 73 8.95 7.68 29.18
N CYS A 74 10.23 8.06 29.19
CA CYS A 74 11.22 7.63 30.21
C CYS A 74 10.71 8.04 31.59
N GLY A 75 11.28 7.47 32.66
CA GLY A 75 10.88 7.71 34.05
C GLY A 75 9.66 6.88 34.43
N THR A 76 9.37 5.86 33.65
CA THR A 76 8.29 4.89 33.93
C THR A 76 8.92 3.55 34.27
N ARG A 77 8.11 2.62 34.77
CA ARG A 77 8.42 1.17 34.88
C ARG A 77 7.22 0.38 34.36
N LEU A 78 7.44 -0.63 33.52
CA LEU A 78 6.34 -1.45 32.96
C LEU A 78 6.32 -2.79 33.66
N GLU A 79 5.13 -3.23 34.03
CA GLU A 79 4.95 -4.50 34.77
C GLU A 79 3.88 -5.29 34.03
N VAL A 80 4.22 -6.51 33.68
CA VAL A 80 3.32 -7.44 32.99
C VAL A 80 3.45 -8.74 33.73
N LYS A 81 2.35 -9.20 34.31
CA LYS A 81 2.19 -10.50 34.99
C LYS A 81 1.60 -11.46 33.98
N ALA A 82 2.29 -12.54 33.66
CA ALA A 82 1.83 -13.47 32.63
C ALA A 82 2.40 -14.88 32.83
N ARG A 83 1.61 -15.89 32.46
CA ARG A 83 2.11 -17.26 32.23
C ARG A 83 1.78 -17.68 30.82
N LEU A 84 2.48 -18.71 30.35
CA LEU A 84 2.09 -19.57 29.21
C LEU A 84 1.31 -20.77 29.71
N THR A 85 0.24 -21.11 29.03
CA THR A 85 -0.60 -22.27 29.40
C THR A 85 0.27 -23.49 29.30
N LYS A 86 1.08 -23.60 28.25
CA LYS A 86 1.99 -24.75 28.05
C LYS A 86 3.18 -24.34 27.23
N LEU A 87 4.30 -25.03 27.43
CA LEU A 87 5.47 -25.00 26.51
C LEU A 87 5.00 -25.44 25.11
N VAL A 88 5.13 -24.59 24.09
CA VAL A 88 4.74 -25.01 22.72
C VAL A 88 5.94 -25.01 21.79
N ARG A 89 6.29 -26.16 21.23
CA ARG A 89 7.45 -26.27 20.33
C ARG A 89 7.12 -25.50 19.05
N GLY A 90 7.71 -24.30 18.94
CA GLY A 90 7.54 -23.37 17.81
C GLY A 90 6.86 -22.11 18.29
N GLY A 91 6.39 -22.16 19.52
CA GLY A 91 5.93 -20.97 20.21
C GLY A 91 7.00 -19.89 20.25
N PHE A 92 6.53 -18.66 20.40
CA PHE A 92 7.35 -17.43 20.32
C PHE A 92 6.58 -16.28 20.96
N PRO A 93 6.28 -16.46 22.26
CA PRO A 93 5.56 -15.45 23.05
C PRO A 93 6.54 -14.35 23.49
N ALA A 94 5.99 -13.15 23.60
CA ALA A 94 6.72 -11.89 23.58
C ALA A 94 6.00 -10.87 24.46
N ILE A 95 6.75 -10.25 25.37
CA ILE A 95 6.29 -9.01 26.07
C ILE A 95 7.34 -7.95 25.81
N TRP A 96 6.96 -6.92 25.07
CA TRP A 96 7.95 -5.93 24.63
C TRP A 96 7.28 -4.58 24.43
N GLN A 97 8.15 -3.58 24.44
CA GLN A 97 7.89 -2.18 24.04
C GLN A 97 8.59 -1.95 22.68
N MET A 98 8.28 -0.80 22.09
CA MET A 98 8.58 -0.38 20.71
C MET A 98 8.26 1.12 20.55
N PRO A 99 9.10 1.90 19.86
CA PRO A 99 8.88 3.34 19.82
C PRO A 99 7.85 3.82 18.76
N ILE A 100 6.97 4.74 19.15
CA ILE A 100 5.95 5.36 18.26
C ILE A 100 6.56 6.56 17.52
N GLY A 101 6.70 6.47 16.20
CA GLY A 101 7.13 7.61 15.39
C GLY A 101 8.64 7.73 15.37
N ALA A 102 9.30 6.57 15.52
CA ALA A 102 10.76 6.33 15.42
C ALA A 102 11.16 6.18 13.95
N PRO A 103 12.35 6.62 13.51
CA PRO A 103 12.80 6.29 12.16
C PRO A 103 12.86 4.75 12.14
N GLU A 104 13.01 4.12 10.98
CA GLU A 104 12.74 2.68 10.72
C GLU A 104 13.51 1.81 11.70
N TRP A 105 12.95 0.68 12.12
CA TRP A 105 13.60 -0.21 13.12
C TRP A 105 14.93 -0.66 12.54
N PRO A 106 15.97 -0.91 13.35
CA PRO A 106 15.94 -0.68 14.79
C PRO A 106 16.24 0.74 15.32
N ARG A 107 16.50 1.72 14.46
CA ARG A 107 17.19 3.00 14.82
C ARG A 107 16.75 3.52 16.22
N GLY A 108 15.44 3.79 16.39
CA GLY A 108 14.77 4.38 17.56
C GLY A 108 14.55 3.40 18.72
N GLY A 109 14.85 2.11 18.55
CA GLY A 109 15.02 1.21 19.71
C GLY A 109 14.02 0.06 19.69
N GLU A 110 14.17 -0.90 20.60
CA GLU A 110 13.20 -1.99 20.90
C GLU A 110 13.57 -2.55 22.27
N ILE A 111 12.62 -2.84 23.16
CA ILE A 111 12.93 -3.37 24.53
C ILE A 111 12.12 -4.61 24.78
N ASP A 112 12.70 -5.72 25.20
CA ASP A 112 11.97 -7.01 25.30
C ASP A 112 11.90 -7.45 26.77
N LEU A 113 10.73 -7.36 27.39
CA LEU A 113 10.53 -7.71 28.83
C LEU A 113 10.55 -9.21 29.00
N MET A 114 10.23 -9.98 27.95
CA MET A 114 10.19 -11.46 28.00
C MET A 114 10.01 -12.02 26.58
N GLU A 115 10.82 -12.99 26.23
CA GLU A 115 10.54 -13.84 25.05
C GLU A 115 11.01 -15.22 25.42
N TRP A 116 10.44 -16.19 24.72
CA TRP A 116 10.64 -17.63 24.99
C TRP A 116 10.88 -18.35 23.69
N VAL A 117 11.75 -19.36 23.73
CA VAL A 117 12.18 -20.14 22.53
C VAL A 117 12.33 -21.57 23.06
N GLN A 118 11.80 -22.53 22.30
CA GLN A 118 11.81 -23.99 22.60
C GLN A 118 13.23 -24.52 22.83
N GLY A 119 14.22 -23.91 22.18
CA GLY A 119 15.62 -24.34 22.24
C GLY A 119 16.20 -24.30 23.64
N THR A 120 15.83 -23.32 24.45
CA THR A 120 16.25 -23.12 25.85
C THR A 120 14.95 -22.97 26.64
N PRO A 121 14.38 -24.13 26.99
CA PRO A 121 12.98 -24.22 27.35
C PRO A 121 12.86 -23.67 28.76
N LEU A 122 13.93 -23.75 29.55
CA LEU A 122 13.89 -23.46 31.00
C LEU A 122 14.56 -22.10 31.17
N GLN A 123 14.18 -21.14 30.35
CA GLN A 123 14.77 -19.78 30.35
C GLN A 123 13.96 -18.88 29.41
N ILE A 124 13.83 -17.64 29.85
CA ILE A 124 13.26 -16.52 29.03
C ILE A 124 14.40 -15.56 28.68
N TYR A 125 14.14 -14.54 27.86
CA TYR A 125 15.17 -13.64 27.28
C TYR A 125 14.70 -12.21 27.46
N GLN A 126 15.46 -11.38 28.18
CA GLN A 126 15.17 -9.93 28.30
C GLN A 126 16.29 -9.21 27.56
N THR A 127 15.92 -8.47 26.53
CA THR A 127 16.80 -8.13 25.40
C THR A 127 16.58 -6.68 25.00
N VAL A 128 17.61 -6.01 24.55
CA VAL A 128 17.50 -4.61 24.06
C VAL A 128 18.08 -4.59 22.64
N HIS A 129 17.47 -3.85 21.70
CA HIS A 129 17.91 -3.76 20.27
C HIS A 129 18.05 -2.30 19.89
N THR A 130 19.15 -1.92 19.25
CA THR A 130 19.36 -0.53 18.75
C THR A 130 19.97 -0.60 17.37
N TYR A 131 20.19 0.55 16.73
CA TYR A 131 21.01 0.62 15.49
C TYR A 131 22.48 0.35 15.79
N TYR A 132 22.99 0.98 16.85
CA TYR A 132 24.38 0.90 17.31
C TYR A 132 24.74 -0.57 17.40
N ILE A 133 23.94 -1.29 18.15
CA ILE A 133 24.20 -2.70 18.54
C ILE A 133 24.17 -3.58 17.30
N ASN A 134 23.00 -3.72 16.70
CA ASN A 134 22.57 -4.81 15.77
C ASN A 134 23.33 -4.70 14.42
N GLY A 135 23.60 -3.47 13.96
CA GLY A 135 23.59 -3.13 12.52
C GLY A 135 22.19 -2.65 12.15
N ALA A 136 21.84 -2.61 10.86
CA ALA A 136 20.43 -2.52 10.38
C ALA A 136 19.93 -3.95 10.09
N ASN A 137 20.75 -4.67 9.29
CA ASN A 137 20.56 -6.06 8.77
C ASN A 137 20.74 -7.08 9.91
N GLY A 138 21.59 -6.80 10.92
CA GLY A 138 21.66 -7.55 12.20
C GLY A 138 20.39 -7.35 13.03
N SER A 139 20.06 -8.33 13.89
CA SER A 139 18.88 -8.35 14.79
C SER A 139 19.13 -9.26 15.99
N ALA A 140 20.39 -9.34 16.43
CA ALA A 140 20.81 -10.21 17.55
C ALA A 140 20.31 -9.62 18.88
N GLY A 141 20.46 -8.30 19.10
CA GLY A 141 20.17 -7.59 20.37
C GLY A 141 21.30 -7.71 21.40
N VAL A 142 21.05 -7.31 22.63
CA VAL A 142 21.94 -7.62 23.77
C VAL A 142 21.05 -8.11 24.91
N THR A 143 21.21 -9.39 25.26
CA THR A 143 20.35 -10.08 26.27
C THR A 143 21.20 -10.17 27.52
N ASN A 144 20.55 -10.36 28.67
CA ASN A 144 21.20 -10.77 29.92
C ASN A 144 22.29 -11.76 29.53
N LYS A 145 23.56 -11.47 29.81
CA LYS A 145 24.68 -12.42 29.57
C LYS A 145 24.53 -13.59 30.56
N ASN A 146 24.12 -13.32 31.82
CA ASN A 146 24.22 -14.24 32.98
C ASN A 146 22.80 -14.56 33.50
N PRO A 147 21.80 -15.02 32.67
CA PRO A 147 20.39 -15.11 33.09
C PRO A 147 20.04 -16.30 33.98
N ASP A 148 18.73 -16.50 34.17
CA ASP A 148 18.15 -17.60 34.97
C ASP A 148 17.87 -18.73 34.00
N LYS A 149 18.49 -19.90 34.18
CA LYS A 149 18.44 -21.05 33.24
C LYS A 149 17.78 -22.27 33.89
N ASN A 150 17.15 -22.11 35.05
CA ASN A 150 16.05 -23.00 35.56
C ASN A 150 14.80 -22.16 35.87
N PHE A 151 14.06 -21.74 34.84
CA PHE A 151 12.87 -20.84 34.89
C PHE A 151 11.69 -21.59 34.28
N ASP A 152 10.51 -21.31 34.81
CA ASP A 152 9.27 -22.03 34.43
C ASP A 152 8.24 -21.02 33.96
N VAL A 153 8.12 -20.82 32.64
CA VAL A 153 7.44 -19.65 32.02
C VAL A 153 5.91 -19.75 32.21
N THR A 154 5.50 -20.98 32.59
CA THR A 154 4.12 -21.52 32.70
C THR A 154 3.49 -21.35 34.09
N LYS A 155 4.28 -20.95 35.07
CA LYS A 155 3.83 -20.29 36.32
C LYS A 155 3.63 -18.82 35.94
N ASP A 156 2.67 -18.13 36.56
CA ASP A 156 2.61 -16.64 36.46
C ASP A 156 3.99 -16.12 36.87
N HIS A 157 4.53 -15.11 36.22
CA HIS A 157 5.67 -14.29 36.71
C HIS A 157 5.35 -12.83 36.37
N VAL A 158 6.10 -11.85 36.93
CA VAL A 158 5.91 -10.40 36.64
C VAL A 158 7.15 -9.88 35.89
N TYR A 159 7.07 -9.74 34.58
CA TYR A 159 8.20 -9.28 33.74
C TYR A 159 8.13 -7.74 33.81
N ALA A 160 9.26 -7.02 33.74
CA ALA A 160 9.36 -5.57 34.12
C ALA A 160 10.65 -4.85 33.63
N VAL A 161 10.56 -3.58 33.19
CA VAL A 161 11.69 -2.67 32.77
C VAL A 161 11.56 -1.29 33.40
N GLU A 162 12.69 -0.67 33.73
CA GLU A 162 12.76 0.78 33.95
C GLU A 162 13.46 1.42 32.76
N ARG A 163 12.93 2.53 32.24
CA ARG A 163 13.69 3.42 31.33
C ARG A 163 13.95 4.73 32.06
N THR A 164 15.20 5.12 32.20
CA THR A 164 15.59 6.52 32.52
C THR A 164 16.42 7.08 31.37
N GLU A 165 16.49 8.41 31.30
CA GLU A 165 17.49 9.11 30.46
C GLU A 165 18.80 8.35 30.61
N LYS A 166 19.04 7.84 31.82
CA LYS A 166 20.31 7.21 32.18
C LYS A 166 20.32 5.77 31.72
N GLU A 167 19.22 5.02 31.76
CA GLU A 167 19.32 3.57 31.40
C GLU A 167 18.05 2.74 31.52
N VAL A 168 18.16 1.53 30.94
CA VAL A 168 17.14 0.45 30.85
C VAL A 168 17.51 -0.66 31.85
N ILE A 169 16.63 -0.94 32.81
CA ILE A 169 16.80 -2.00 33.84
C ILE A 169 15.67 -3.03 33.72
N PHE A 170 16.04 -4.30 33.62
CA PHE A 170 15.09 -5.44 33.56
C PHE A 170 14.94 -6.07 34.95
N TYR A 171 13.74 -6.57 35.21
CA TYR A 171 13.38 -7.37 36.41
C TYR A 171 12.50 -8.58 36.02
N VAL A 172 12.40 -9.47 36.99
CA VAL A 172 11.63 -10.72 36.90
C VAL A 172 11.23 -11.02 38.34
N ASP A 173 9.93 -11.07 38.60
CA ASP A 173 9.40 -11.29 39.97
C ASP A 173 10.08 -10.28 40.89
N GLY A 174 10.37 -9.08 40.37
CA GLY A 174 10.80 -7.92 41.16
C GLY A 174 12.25 -7.98 41.61
N LYS A 175 13.04 -8.92 41.09
CA LYS A 175 14.52 -8.93 41.23
C LYS A 175 15.07 -8.29 39.96
N GLU A 176 16.03 -7.37 40.10
CA GLU A 176 16.80 -6.87 38.95
C GLU A 176 17.45 -8.07 38.26
N THR A 177 17.33 -8.17 36.94
CA THR A 177 17.97 -9.24 36.16
C THR A 177 19.27 -8.73 35.52
N TRP A 178 19.28 -7.53 34.95
CA TRP A 178 20.49 -6.80 34.42
C TRP A 178 20.03 -5.45 33.86
N ARG A 179 20.97 -4.63 33.33
CA ARG A 179 20.69 -3.28 32.76
C ARG A 179 21.60 -2.96 31.58
N TYR A 180 21.07 -2.19 30.64
CA TYR A 180 21.81 -1.55 29.51
C TYR A 180 21.82 -0.04 29.76
N GLY A 181 22.97 0.60 29.54
CA GLY A 181 23.25 1.96 30.02
C GLY A 181 23.49 2.92 28.86
N ASN A 182 22.79 4.06 28.90
CA ASN A 182 23.16 5.27 28.13
C ASN A 182 24.63 5.54 28.43
N GLN A 183 25.41 5.80 27.37
CA GLN A 183 26.86 6.09 27.44
C GLN A 183 27.09 7.53 27.01
N TYR A 184 26.08 8.22 26.50
CA TYR A 184 26.13 9.68 26.29
C TYR A 184 27.19 10.00 25.22
N LEU A 185 27.16 9.22 24.11
CA LEU A 185 28.01 9.40 22.89
C LEU A 185 27.35 10.38 21.93
N ASP A 186 28.12 10.99 21.03
CA ASP A 186 27.60 11.54 19.76
C ASP A 186 26.23 10.93 19.50
N GLU A 187 25.12 11.66 19.72
CA GLU A 187 23.72 11.11 19.67
C GLU A 187 23.47 10.51 18.29
N GLY A 188 24.38 10.76 17.34
CA GLY A 188 24.31 10.30 15.93
C GLY A 188 24.36 8.79 15.81
N LYS A 189 25.16 8.14 16.66
CA LYS A 189 25.41 6.68 16.60
C LYS A 189 24.16 5.96 17.08
N LEU A 190 23.22 6.69 17.69
CA LEU A 190 21.86 6.20 18.07
C LEU A 190 22.02 5.04 19.03
N GLN A 191 23.00 5.16 19.93
CA GLN A 191 23.51 4.12 20.88
C GLN A 191 22.46 3.75 21.94
N TYR A 192 21.69 4.78 22.35
CA TYR A 192 20.71 4.80 23.46
C TYR A 192 19.53 5.73 23.12
N PRO A 193 18.56 5.31 22.27
CA PRO A 193 17.50 6.20 21.77
C PRO A 193 16.18 6.16 22.53
N PHE A 194 16.22 5.49 23.68
CA PHE A 194 15.05 4.90 24.34
C PHE A 194 14.22 5.96 25.05
N CYS A 195 14.59 7.23 24.94
CA CYS A 195 13.84 8.34 25.54
C CYS A 195 13.43 9.34 24.48
N GLU A 196 13.87 9.18 23.24
CA GLU A 196 13.60 10.20 22.20
C GLU A 196 12.19 10.01 21.66
N TYR A 197 11.60 8.83 21.86
CA TYR A 197 10.19 8.56 21.50
C TYR A 197 9.47 7.94 22.70
N PRO A 198 8.13 7.89 22.65
CA PRO A 198 7.37 7.09 23.59
C PRO A 198 7.38 5.64 23.13
N PHE A 199 7.43 4.75 24.11
CA PHE A 199 7.45 3.29 23.94
C PHE A 199 6.08 2.76 24.41
N ASN A 200 5.63 1.73 23.72
CA ASN A 200 4.25 1.22 23.84
C ASN A 200 4.33 -0.11 24.54
N ILE A 201 3.23 -0.86 24.43
CA ILE A 201 3.11 -2.21 25.03
C ILE A 201 2.60 -3.15 23.94
N ILE A 202 3.32 -4.25 23.78
CA ILE A 202 3.00 -5.26 22.76
C ILE A 202 3.04 -6.61 23.44
N LEU A 203 1.92 -7.31 23.36
CA LEU A 203 1.71 -8.61 24.00
C LEU A 203 1.38 -9.58 22.87
N ASN A 204 2.16 -10.61 22.65
CA ASN A 204 1.72 -11.60 21.65
C ASN A 204 2.23 -12.98 21.99
N PHE A 205 1.59 -13.94 21.32
CA PHE A 205 1.96 -15.35 21.18
C PHE A 205 2.02 -15.67 19.69
N SER A 206 3.22 -15.65 19.11
CA SER A 206 3.39 -15.94 17.66
C SER A 206 3.92 -17.36 17.56
N LEU A 207 3.67 -17.95 16.41
CA LEU A 207 4.31 -19.18 15.91
C LEU A 207 5.42 -18.77 14.98
N GLY A 208 6.50 -19.55 15.02
CA GLY A 208 7.78 -19.19 14.41
C GLY A 208 7.94 -19.78 13.05
N GLY A 209 8.67 -20.90 13.06
CA GLY A 209 8.81 -21.89 11.97
C GLY A 209 9.71 -21.40 10.87
N GLU A 210 9.44 -21.89 9.67
CA GLU A 210 10.16 -21.48 8.44
C GLU A 210 9.85 -20.01 8.21
N LEU A 211 10.69 -19.27 7.48
CA LEU A 211 10.34 -17.92 6.99
C LEU A 211 11.01 -17.69 5.65
N ASN A 212 10.21 -17.59 4.59
CA ASN A 212 10.80 -17.49 3.25
C ASN A 212 11.75 -18.68 3.18
N GLY A 213 11.38 -19.82 3.77
CA GLY A 213 12.09 -21.11 3.69
C GLY A 213 13.44 -21.19 4.39
N ARG A 214 13.80 -20.19 5.23
CA ARG A 214 14.93 -20.18 6.19
C ARG A 214 14.35 -20.22 7.60
N MET A 215 14.72 -21.19 8.43
CA MET A 215 14.10 -21.46 9.77
C MET A 215 14.42 -20.29 10.69
N THR A 216 13.45 -19.82 11.47
CA THR A 216 13.65 -18.70 12.43
C THR A 216 14.14 -19.28 13.76
N TRP A 217 14.05 -18.48 14.81
CA TRP A 217 14.78 -18.64 16.08
C TRP A 217 14.02 -19.59 17.02
N SER A 218 12.73 -19.34 17.11
CA SER A 218 11.75 -20.15 17.86
C SER A 218 11.71 -21.58 17.30
N GLY A 219 12.34 -21.75 16.14
CA GLY A 219 12.59 -23.06 15.53
C GLY A 219 11.33 -23.68 15.01
N GLU A 220 11.38 -24.99 14.86
CA GLU A 220 10.40 -25.77 14.08
C GLU A 220 9.12 -25.87 14.87
N ILE A 221 7.98 -25.75 14.18
CA ILE A 221 6.65 -25.84 14.81
C ILE A 221 6.23 -27.30 14.89
N CYS A 222 5.72 -27.67 16.05
CA CYS A 222 5.17 -29.01 16.32
C CYS A 222 3.66 -28.95 16.43
N ASP A 223 2.94 -29.49 15.46
CA ASP A 223 1.48 -29.26 15.47
C ASP A 223 0.93 -29.94 16.72
N GLU A 224 1.27 -31.21 17.03
CA GLU A 224 0.81 -31.96 18.25
C GLU A 224 0.44 -31.00 19.40
N ASP A 225 1.35 -30.07 19.75
CA ASP A 225 1.32 -29.17 20.93
C ASP A 225 0.33 -28.00 20.79
N LEU A 226 -0.06 -27.63 19.58
CA LEU A 226 -1.04 -26.53 19.39
C LEU A 226 -2.44 -26.96 19.84
N PRO A 227 -3.29 -26.06 20.37
CA PRO A 227 -2.94 -24.64 20.51
C PRO A 227 -2.13 -24.36 21.78
N GLY A 228 -1.77 -23.10 21.98
CA GLY A 228 -1.13 -22.55 23.19
C GLY A 228 -1.58 -21.09 23.42
N GLU A 229 -1.98 -20.79 24.65
CA GLU A 229 -2.32 -19.40 25.02
C GLU A 229 -1.18 -18.84 25.89
N MET A 230 -0.99 -17.53 25.87
CA MET A 230 -0.30 -16.73 26.93
C MET A 230 -1.36 -15.87 27.60
N TRP A 231 -1.45 -15.95 28.91
CA TRP A 231 -2.44 -15.17 29.68
C TRP A 231 -1.72 -14.03 30.42
N VAL A 232 -2.08 -12.81 30.06
CA VAL A 232 -1.59 -11.59 30.74
C VAL A 232 -2.58 -11.25 31.85
N ASP A 233 -2.29 -11.63 33.10
CA ASP A 233 -3.22 -11.35 34.24
C ASP A 233 -3.46 -9.84 34.31
N TRP A 234 -2.45 -9.01 33.98
CA TRP A 234 -2.52 -7.53 34.02
C TRP A 234 -1.23 -6.85 33.52
N VAL A 235 -1.31 -5.53 33.36
CA VAL A 235 -0.28 -4.65 32.75
C VAL A 235 -0.37 -3.31 33.47
N ARG A 236 0.75 -2.77 33.93
CA ARG A 236 0.77 -1.58 34.83
C ARG A 236 1.99 -0.76 34.47
N VAL A 237 1.84 0.55 34.28
CA VAL A 237 2.98 1.48 34.05
C VAL A 237 3.01 2.48 35.21
N VAL A 238 4.18 2.77 35.77
CA VAL A 238 4.27 3.63 36.98
C VAL A 238 5.38 4.65 36.77
N SER A 239 5.00 5.92 36.83
CA SER A 239 5.96 7.03 36.97
C SER A 239 6.76 6.77 38.26
N LEU A 240 8.03 7.19 38.30
CA LEU A 240 8.99 7.04 39.44
C LEU A 240 9.15 8.34 40.26
N ASN A 241 9.25 8.21 41.58
CA ASN A 241 9.11 9.33 42.56
C ASN A 241 10.36 9.38 43.42
N SER B 1 22.34 -5.17 3.33
CA SER B 1 22.80 -5.60 1.99
C SER B 1 21.74 -5.19 0.96
N VAL B 2 20.47 -4.98 1.36
CA VAL B 2 19.28 -4.85 0.47
C VAL B 2 19.37 -3.60 -0.41
N LEU B 3 19.03 -3.75 -1.68
CA LEU B 3 19.27 -2.75 -2.75
C LEU B 3 17.91 -2.18 -3.18
N PHE B 4 16.83 -2.95 -3.07
CA PHE B 4 15.44 -2.58 -3.51
C PHE B 4 14.41 -3.61 -3.03
N VAL B 5 13.29 -3.13 -2.52
CA VAL B 5 12.27 -4.02 -1.89
C VAL B 5 10.89 -3.38 -2.05
N ASP B 6 9.90 -4.22 -2.36
CA ASP B 6 8.46 -3.85 -2.36
C ASP B 6 7.70 -5.07 -1.86
N SER B 7 7.02 -4.95 -0.72
CA SER B 7 6.05 -5.95 -0.21
C SER B 7 4.66 -5.32 -0.25
N PHE B 8 4.60 -4.09 -0.78
CA PHE B 8 3.42 -3.49 -1.42
C PHE B 8 2.36 -3.16 -0.38
N ASP B 9 2.71 -2.48 0.71
CA ASP B 9 1.75 -2.18 1.82
C ASP B 9 1.34 -0.72 1.74
N GLY B 10 1.55 -0.06 0.60
CA GLY B 10 0.99 1.27 0.31
C GLY B 10 -0.46 1.36 0.78
N SER B 11 -0.83 2.46 1.41
CA SER B 11 -2.26 2.75 1.65
C SER B 11 -3.01 2.49 0.34
N SER B 12 -2.45 2.85 -0.83
CA SER B 12 -3.08 2.85 -2.19
C SER B 12 -3.22 1.42 -2.69
N VAL B 13 -4.10 1.24 -3.68
CA VAL B 13 -4.51 -0.09 -4.22
C VAL B 13 -3.76 -0.27 -5.55
N VAL B 14 -2.60 0.37 -5.65
CA VAL B 14 -1.95 0.46 -6.98
C VAL B 14 -0.45 0.67 -6.81
N PRO B 15 0.33 -0.27 -7.38
CA PRO B 15 1.77 -0.34 -7.15
C PRO B 15 2.52 0.94 -7.56
N ASP B 16 3.46 1.34 -6.67
CA ASP B 16 3.94 2.75 -6.56
C ASP B 16 4.42 3.15 -7.97
N THR B 17 3.77 4.17 -8.52
CA THR B 17 3.81 4.58 -9.96
C THR B 17 5.21 5.03 -10.39
N ALA B 18 6.02 5.58 -9.47
CA ALA B 18 7.43 6.04 -9.67
C ALA B 18 8.38 4.87 -10.04
N VAL B 19 7.99 3.62 -9.72
CA VAL B 19 8.81 2.36 -9.84
C VAL B 19 8.24 1.41 -10.90
N TRP B 20 6.93 1.10 -10.84
CA TRP B 20 6.20 0.10 -11.67
C TRP B 20 5.30 0.78 -12.71
N LYS B 21 5.50 0.45 -13.99
CA LYS B 21 4.63 0.82 -15.15
C LYS B 21 3.81 -0.40 -15.55
N LEU B 22 2.67 -0.19 -16.19
CA LEU B 22 1.77 -1.28 -16.64
C LEU B 22 2.35 -1.86 -17.91
N CYS B 23 2.39 -3.19 -18.04
CA CYS B 23 2.84 -3.84 -19.30
C CYS B 23 1.87 -3.34 -20.38
N THR B 24 2.24 -3.50 -21.66
CA THR B 24 1.45 -3.00 -22.81
C THR B 24 1.26 -4.03 -23.92
N TYR B 25 0.46 -3.64 -24.89
CA TYR B 25 0.25 -4.38 -26.14
C TYR B 25 1.58 -4.48 -26.86
N ALA B 26 1.62 -5.51 -27.68
CA ALA B 26 2.76 -6.02 -28.45
C ALA B 26 2.28 -7.32 -29.09
N ASN B 27 2.53 -7.48 -30.39
CA ASN B 27 1.99 -8.60 -31.20
C ASN B 27 2.91 -9.81 -30.99
N ASN B 28 2.87 -10.40 -29.78
CA ASN B 28 3.72 -11.54 -29.34
C ASN B 28 3.03 -12.20 -28.14
N ALA B 29 3.34 -13.48 -27.85
CA ALA B 29 2.50 -14.44 -27.07
C ALA B 29 1.88 -13.85 -25.80
N TRP B 30 2.75 -13.25 -24.98
CA TRP B 30 2.46 -12.76 -23.62
C TRP B 30 1.80 -11.39 -23.64
N SER B 31 2.23 -10.53 -24.56
CA SER B 31 1.79 -9.11 -24.67
C SER B 31 0.54 -8.94 -25.57
N GLN B 32 0.03 -10.00 -26.18
CA GLN B 32 -1.10 -9.93 -27.15
C GLN B 32 -2.32 -9.32 -26.46
N TRP B 33 -2.58 -9.75 -25.24
CA TRP B 33 -3.87 -9.56 -24.56
C TRP B 33 -3.69 -8.54 -23.46
N PHE B 34 -2.74 -7.64 -23.62
CA PHE B 34 -2.71 -6.35 -22.91
C PHE B 34 -3.41 -5.29 -23.77
N ARG B 35 -3.81 -5.59 -25.01
CA ARG B 35 -4.60 -4.59 -25.79
C ARG B 35 -5.85 -4.31 -24.95
N ASP B 36 -6.27 -3.07 -24.85
CA ASP B 36 -7.61 -2.63 -24.36
C ASP B 36 -7.85 -3.06 -22.91
N VAL B 37 -6.76 -3.28 -22.15
CA VAL B 37 -6.82 -3.42 -20.68
C VAL B 37 -6.84 -2.01 -20.10
N ASN B 38 -8.00 -1.60 -19.57
CA ASN B 38 -8.22 -0.24 -19.03
C ASN B 38 -7.32 -0.04 -17.80
N GLY B 39 -6.25 0.77 -17.97
CA GLY B 39 -5.16 0.98 -17.01
C GLY B 39 -4.98 -0.22 -16.10
N TYR B 40 -5.40 -0.09 -14.85
CA TYR B 40 -4.96 -0.93 -13.70
C TYR B 40 -6.05 -1.96 -13.37
N GLU B 41 -6.92 -2.35 -14.32
CA GLU B 41 -8.17 -3.08 -13.97
C GLU B 41 -7.84 -4.53 -13.63
N ASN B 42 -6.72 -5.05 -14.12
CA ASN B 42 -6.29 -6.41 -13.73
C ASN B 42 -5.06 -6.38 -12.78
N VAL B 43 -4.64 -5.17 -12.34
CA VAL B 43 -3.51 -4.93 -11.40
C VAL B 43 -4.02 -4.14 -10.19
N LYS B 44 -3.71 -4.64 -8.99
CA LYS B 44 -4.07 -3.98 -7.72
C LYS B 44 -3.21 -4.56 -6.59
N VAL B 45 -3.23 -3.85 -5.48
CA VAL B 45 -2.49 -4.13 -4.23
C VAL B 45 -3.53 -4.38 -3.15
N GLU B 46 -3.41 -5.45 -2.40
CA GLU B 46 -4.40 -5.82 -1.37
C GLU B 46 -3.73 -6.88 -0.51
N ASP B 47 -3.96 -6.86 0.82
CA ASP B 47 -3.46 -7.86 1.82
C ASP B 47 -1.92 -7.98 1.77
N GLY B 48 -1.21 -6.92 1.37
CA GLY B 48 0.27 -6.91 1.23
C GLY B 48 0.75 -7.78 0.07
N TYR B 49 -0.10 -7.92 -0.95
CA TYR B 49 0.13 -8.64 -2.23
C TYR B 49 -0.13 -7.73 -3.45
N LEU B 50 0.64 -7.95 -4.52
CA LEU B 50 0.33 -7.47 -5.89
C LEU B 50 -0.51 -8.55 -6.55
N LYS B 51 -1.78 -8.29 -6.79
CA LYS B 51 -2.65 -9.31 -7.40
C LYS B 51 -2.65 -9.04 -8.90
N LEU B 52 -2.22 -10.00 -9.70
CA LEU B 52 -2.18 -9.82 -11.19
C LEU B 52 -3.22 -10.74 -11.79
N ARG B 53 -4.23 -10.17 -12.46
CA ARG B 53 -5.44 -10.90 -12.88
C ARG B 53 -5.47 -11.05 -14.39
N ALA B 54 -5.91 -12.23 -14.81
CA ALA B 54 -6.25 -12.60 -16.20
C ALA B 54 -7.70 -13.05 -16.26
N CYS B 55 -8.48 -12.52 -17.20
CA CYS B 55 -9.94 -12.80 -17.29
C CYS B 55 -10.36 -12.67 -18.73
N LYS B 56 -11.62 -13.04 -19.01
CA LYS B 56 -12.37 -12.58 -20.20
C LYS B 56 -13.35 -11.51 -19.69
N ASP B 57 -13.02 -10.24 -19.86
CA ASP B 57 -13.97 -9.10 -19.74
C ASP B 57 -14.72 -9.03 -21.07
N ASN B 58 -15.99 -9.42 -21.08
CA ASN B 58 -16.99 -8.96 -22.06
C ASN B 58 -16.41 -8.93 -23.47
N GLY B 59 -16.14 -10.10 -24.03
CA GLY B 59 -15.51 -10.25 -25.36
C GLY B 59 -14.07 -10.69 -25.22
N THR B 60 -13.18 -9.81 -24.79
CA THR B 60 -11.73 -9.94 -25.04
C THR B 60 -11.03 -10.45 -23.79
N TYR B 61 -9.99 -11.28 -23.98
CA TYR B 61 -9.05 -11.73 -22.93
C TYR B 61 -8.20 -10.56 -22.45
N LYS B 62 -7.95 -10.47 -21.14
CA LYS B 62 -7.16 -9.37 -20.56
C LYS B 62 -6.09 -9.87 -19.57
N ASN B 63 -4.84 -9.43 -19.80
CA ASN B 63 -3.59 -9.73 -19.04
C ASN B 63 -3.45 -8.73 -17.89
N GLY B 64 -2.79 -9.14 -16.83
CA GLY B 64 -2.44 -8.23 -15.73
C GLY B 64 -0.97 -8.34 -15.45
N GLY B 65 -0.23 -7.24 -15.60
CA GLY B 65 1.23 -7.28 -15.48
C GLY B 65 1.85 -5.90 -15.27
N VAL B 66 2.92 -5.82 -14.48
CA VAL B 66 3.74 -4.59 -14.38
C VAL B 66 5.19 -4.98 -14.64
N PHE B 67 6.01 -3.98 -14.99
CA PHE B 67 7.49 -4.06 -15.01
C PHE B 67 8.05 -2.88 -14.23
N SER B 68 9.32 -2.94 -13.81
CA SER B 68 10.02 -1.85 -13.08
C SER B 68 10.58 -0.85 -14.09
N LYS B 69 10.35 0.44 -13.84
CA LYS B 69 11.02 1.54 -14.60
C LYS B 69 12.54 1.32 -14.46
N ILE B 70 13.00 0.91 -13.27
CA ILE B 70 14.43 0.88 -12.85
C ILE B 70 14.97 -0.51 -13.17
N GLY B 71 16.29 -0.66 -13.11
CA GLY B 71 16.95 -1.96 -13.37
C GLY B 71 18.11 -2.20 -12.44
N PHE B 72 18.66 -3.42 -12.43
CA PHE B 72 19.78 -3.80 -11.52
C PHE B 72 20.96 -4.39 -12.29
N PRO B 73 22.18 -4.20 -11.73
CA PRO B 73 23.43 -4.66 -12.35
C PRO B 73 23.78 -6.05 -11.81
N CYS B 74 24.89 -6.61 -12.27
CA CYS B 74 25.38 -7.93 -11.80
C CYS B 74 25.86 -7.78 -10.36
N GLY B 75 26.29 -8.89 -9.74
CA GLY B 75 26.53 -8.99 -8.28
C GLY B 75 25.29 -8.62 -7.45
N THR B 76 24.11 -8.77 -8.05
CA THR B 76 22.79 -8.65 -7.38
C THR B 76 22.13 -10.02 -7.38
N ARG B 77 21.10 -10.18 -6.53
CA ARG B 77 20.17 -11.35 -6.53
C ARG B 77 18.74 -10.85 -6.30
N LEU B 78 17.82 -11.34 -7.15
CA LEU B 78 16.38 -11.01 -7.22
C LEU B 78 15.58 -12.11 -6.52
N GLU B 79 14.67 -11.74 -5.64
CA GLU B 79 13.86 -12.69 -4.86
C GLU B 79 12.40 -12.32 -5.09
N VAL B 80 11.55 -13.23 -5.55
CA VAL B 80 10.09 -12.99 -5.77
C VAL B 80 9.30 -14.16 -5.20
N LYS B 81 8.54 -13.86 -4.16
CA LYS B 81 7.60 -14.80 -3.48
C LYS B 81 6.24 -14.67 -4.18
N ALA B 82 5.67 -15.79 -4.67
CA ALA B 82 4.41 -15.78 -5.43
C ALA B 82 3.72 -17.16 -5.54
N ARG B 83 2.38 -17.12 -5.45
CA ARG B 83 1.48 -18.25 -5.84
C ARG B 83 0.57 -17.78 -6.99
N LEU B 84 0.14 -18.75 -7.81
CA LEU B 84 -1.06 -18.64 -8.67
C LEU B 84 -2.26 -19.06 -7.83
N THR B 85 -3.44 -18.50 -8.09
CA THR B 85 -4.68 -18.77 -7.29
C THR B 85 -5.16 -20.16 -7.69
N LYS B 86 -5.00 -20.51 -8.97
CA LYS B 86 -5.32 -21.84 -9.54
C LYS B 86 -4.56 -22.08 -10.86
N LEU B 87 -4.69 -23.30 -11.38
CA LEU B 87 -4.27 -23.71 -12.74
C LEU B 87 -5.34 -23.29 -13.75
N VAL B 88 -5.01 -22.30 -14.59
CA VAL B 88 -5.87 -21.93 -15.74
C VAL B 88 -5.33 -22.64 -16.95
N ARG B 89 -6.17 -23.26 -17.76
CA ARG B 89 -5.74 -23.84 -19.05
C ARG B 89 -5.58 -22.69 -20.06
N GLY B 90 -4.36 -22.48 -20.56
CA GLY B 90 -3.98 -21.26 -21.30
C GLY B 90 -3.55 -20.17 -20.33
N GLY B 91 -3.32 -20.51 -19.07
CA GLY B 91 -2.54 -19.66 -18.18
C GLY B 91 -1.17 -19.46 -18.79
N PHE B 92 -0.61 -18.25 -18.65
CA PHE B 92 0.79 -17.92 -19.03
C PHE B 92 1.34 -16.83 -18.10
N PRO B 93 1.43 -17.15 -16.79
CA PRO B 93 2.02 -16.26 -15.78
C PRO B 93 3.53 -16.53 -15.74
N ALA B 94 4.30 -15.52 -15.33
CA ALA B 94 5.72 -15.29 -15.69
C ALA B 94 6.34 -14.30 -14.73
N ILE B 95 7.49 -14.64 -14.17
CA ILE B 95 8.32 -13.75 -13.31
C ILE B 95 9.71 -13.70 -13.94
N TRP B 96 10.10 -12.55 -14.46
CA TRP B 96 11.28 -12.52 -15.35
C TRP B 96 11.87 -11.12 -15.40
N GLN B 97 13.16 -11.06 -15.75
CA GLN B 97 13.92 -9.83 -15.91
C GLN B 97 14.19 -9.71 -17.41
N MET B 98 14.82 -8.61 -17.81
CA MET B 98 14.85 -8.07 -19.18
C MET B 98 15.74 -6.83 -19.18
N PRO B 99 16.62 -6.67 -20.18
CA PRO B 99 17.62 -5.62 -20.11
C PRO B 99 17.10 -4.26 -20.63
N ILE B 100 17.38 -3.22 -19.85
CA ILE B 100 17.19 -1.77 -20.17
C ILE B 100 18.14 -1.29 -21.28
N GLY B 101 17.60 -0.67 -22.34
CA GLY B 101 18.40 -0.10 -23.45
C GLY B 101 19.36 -1.11 -24.10
N ALA B 102 18.98 -2.37 -24.23
CA ALA B 102 19.72 -3.35 -25.04
C ALA B 102 19.45 -3.09 -26.52
N PRO B 103 20.32 -3.57 -27.44
CA PRO B 103 19.89 -3.90 -28.80
C PRO B 103 18.75 -4.89 -28.67
N GLU B 104 18.02 -5.15 -29.76
CA GLU B 104 16.63 -5.69 -29.70
C GLU B 104 16.67 -7.21 -29.48
N TRP B 105 15.95 -7.60 -28.45
CA TRP B 105 15.70 -8.99 -28.02
C TRP B 105 15.97 -9.95 -29.16
N PRO B 106 16.61 -11.11 -28.87
CA PRO B 106 17.17 -11.38 -27.53
C PRO B 106 18.60 -10.87 -27.29
N ARG B 107 19.12 -9.99 -28.13
CA ARG B 107 20.58 -9.78 -28.22
C ARG B 107 21.08 -9.50 -26.79
N GLY B 108 20.32 -8.69 -26.05
CA GLY B 108 20.67 -8.16 -24.71
C GLY B 108 20.38 -9.17 -23.60
N GLY B 109 19.61 -10.21 -23.92
CA GLY B 109 19.41 -11.33 -22.99
C GLY B 109 18.00 -11.30 -22.45
N GLU B 110 17.64 -12.30 -21.65
CA GLU B 110 16.35 -12.45 -20.94
C GLU B 110 16.60 -13.48 -19.83
N ILE B 111 15.99 -13.34 -18.68
CA ILE B 111 16.06 -14.35 -17.58
C ILE B 111 14.64 -14.61 -17.09
N ASP B 112 14.23 -15.87 -16.96
CA ASP B 112 12.88 -16.29 -16.58
C ASP B 112 12.98 -16.98 -15.21
N LEU B 113 12.61 -16.31 -14.10
CA LEU B 113 12.66 -16.91 -12.74
C LEU B 113 11.54 -17.94 -12.59
N MET B 114 10.40 -17.67 -13.19
CA MET B 114 9.26 -18.61 -13.19
C MET B 114 8.37 -18.34 -14.40
N GLU B 115 7.96 -19.41 -15.08
CA GLU B 115 6.95 -19.42 -16.14
C GLU B 115 6.21 -20.74 -16.01
N TRP B 116 4.89 -20.69 -16.02
CA TRP B 116 4.02 -21.87 -15.94
C TRP B 116 3.13 -21.95 -17.19
N VAL B 117 3.22 -23.09 -17.86
CA VAL B 117 2.42 -23.42 -19.06
C VAL B 117 1.57 -24.61 -18.66
N GLN B 118 0.42 -24.76 -19.33
CA GLN B 118 -0.58 -25.84 -19.14
C GLN B 118 0.00 -27.19 -19.59
N GLY B 119 0.82 -27.18 -20.64
CA GLY B 119 1.54 -28.37 -21.15
C GLY B 119 2.19 -29.25 -20.09
N THR B 120 2.46 -28.74 -18.88
CA THR B 120 3.21 -29.42 -17.78
C THR B 120 2.74 -28.89 -16.44
N PRO B 121 1.54 -29.27 -15.98
CA PRO B 121 0.91 -28.53 -14.87
C PRO B 121 1.71 -28.59 -13.56
N LEU B 122 2.57 -29.58 -13.41
CA LEU B 122 3.37 -29.73 -12.19
C LEU B 122 4.83 -29.49 -12.55
N GLN B 123 5.10 -28.33 -13.14
CA GLN B 123 6.47 -27.92 -13.57
C GLN B 123 6.42 -26.42 -13.93
N ILE B 124 7.29 -25.64 -13.28
CA ILE B 124 7.64 -24.28 -13.77
C ILE B 124 8.91 -24.33 -14.63
N TYR B 125 9.21 -23.23 -15.31
CA TYR B 125 10.36 -23.10 -16.25
C TYR B 125 11.27 -21.97 -15.75
N GLN B 126 12.49 -22.28 -15.33
CA GLN B 126 13.53 -21.23 -15.16
C GLN B 126 14.40 -21.33 -16.40
N THR B 127 14.88 -20.23 -16.95
CA THR B 127 15.15 -20.21 -18.40
C THR B 127 15.88 -18.93 -18.76
N VAL B 128 16.77 -19.03 -19.72
CA VAL B 128 17.71 -17.97 -20.15
C VAL B 128 17.65 -17.90 -21.67
N HIS B 129 17.67 -16.71 -22.25
CA HIS B 129 17.58 -16.48 -23.71
C HIS B 129 18.70 -15.52 -24.13
N THR B 130 19.35 -15.78 -25.26
CA THR B 130 20.39 -14.88 -25.82
C THR B 130 20.35 -15.05 -27.33
N TYR B 131 20.96 -14.14 -28.06
CA TYR B 131 21.22 -14.33 -29.51
C TYR B 131 21.93 -15.65 -29.78
N TYR B 132 22.92 -15.98 -28.94
CA TYR B 132 23.79 -17.16 -29.10
C TYR B 132 22.91 -18.41 -29.19
N ILE B 133 22.07 -18.56 -28.19
CA ILE B 133 21.24 -19.78 -27.96
C ILE B 133 20.31 -19.88 -29.17
N ASN B 134 19.31 -19.01 -29.22
CA ASN B 134 18.20 -18.99 -30.20
C ASN B 134 18.78 -18.85 -31.65
N GLY B 135 19.32 -17.66 -31.93
CA GLY B 135 19.30 -16.98 -33.24
C GLY B 135 18.32 -15.84 -33.13
N ALA B 136 18.05 -15.11 -34.23
CA ALA B 136 17.10 -13.97 -34.31
C ALA B 136 15.68 -14.45 -33.94
N ASN B 137 15.17 -15.41 -34.74
CA ASN B 137 13.80 -16.02 -34.75
C ASN B 137 13.72 -17.18 -33.72
N GLY B 138 14.77 -18.01 -33.59
CA GLY B 138 14.94 -18.84 -32.39
C GLY B 138 14.24 -18.18 -31.21
N SER B 139 13.41 -18.94 -30.50
CA SER B 139 12.47 -18.46 -29.44
C SER B 139 12.77 -19.18 -28.12
N ALA B 140 13.47 -20.30 -28.28
CA ALA B 140 13.50 -21.54 -27.48
C ALA B 140 13.86 -21.27 -25.99
N GLY B 141 15.14 -20.92 -25.78
CA GLY B 141 15.79 -20.72 -24.47
C GLY B 141 16.60 -21.95 -24.11
N VAL B 142 17.48 -21.82 -23.10
CA VAL B 142 18.03 -22.95 -22.30
C VAL B 142 17.22 -22.97 -21.00
N THR B 143 16.66 -24.12 -20.62
CA THR B 143 15.91 -24.25 -19.35
C THR B 143 16.67 -25.21 -18.44
N ASN B 144 16.12 -25.39 -17.24
CA ASN B 144 16.55 -26.39 -16.25
C ASN B 144 16.48 -27.77 -16.91
N LYS B 145 17.61 -28.32 -17.31
CA LYS B 145 17.64 -29.71 -17.84
C LYS B 145 16.70 -30.56 -16.97
N ASN B 146 16.76 -30.40 -15.64
CA ASN B 146 16.18 -31.34 -14.63
C ASN B 146 15.34 -30.58 -13.60
N PRO B 147 14.12 -30.14 -13.96
CA PRO B 147 13.32 -29.27 -13.08
C PRO B 147 12.71 -30.10 -11.95
N ASP B 148 11.95 -29.44 -11.07
CA ASP B 148 11.05 -30.18 -10.15
C ASP B 148 9.86 -30.55 -11.02
N LYS B 149 9.63 -31.85 -11.26
CA LYS B 149 8.57 -32.39 -12.18
C LYS B 149 7.27 -32.70 -11.40
N ASN B 150 7.23 -32.47 -10.09
CA ASN B 150 6.00 -32.64 -9.28
C ASN B 150 5.81 -31.39 -8.45
N PHE B 151 5.79 -30.26 -9.14
CA PHE B 151 5.86 -28.89 -8.57
C PHE B 151 4.45 -28.31 -8.54
N ASP B 152 4.02 -27.90 -7.34
CA ASP B 152 2.72 -27.22 -7.11
C ASP B 152 2.97 -25.72 -7.16
N VAL B 153 2.37 -25.02 -8.12
CA VAL B 153 2.69 -23.58 -8.35
C VAL B 153 1.65 -22.68 -7.67
N THR B 154 0.59 -23.32 -7.18
CA THR B 154 -0.56 -22.62 -6.57
C THR B 154 -0.30 -22.46 -5.07
N LYS B 155 0.85 -22.94 -4.59
CA LYS B 155 1.38 -22.60 -3.24
C LYS B 155 2.43 -21.51 -3.38
N ASP B 156 2.52 -20.65 -2.36
CA ASP B 156 3.63 -19.67 -2.21
C ASP B 156 4.93 -20.42 -2.53
N HIS B 157 5.82 -19.76 -3.24
CA HIS B 157 7.24 -20.17 -3.42
C HIS B 157 8.06 -18.90 -3.65
N VAL B 158 9.31 -18.91 -3.19
CA VAL B 158 10.25 -17.81 -3.51
C VAL B 158 11.06 -18.29 -4.71
N TYR B 159 10.78 -17.67 -5.86
CA TYR B 159 11.65 -17.77 -7.05
C TYR B 159 12.72 -16.69 -6.87
N ALA B 160 13.93 -16.96 -7.38
CA ALA B 160 15.15 -16.16 -7.07
C ALA B 160 16.26 -16.57 -8.03
N VAL B 161 16.99 -15.56 -8.52
CA VAL B 161 18.12 -15.73 -9.48
C VAL B 161 19.21 -14.68 -9.19
N GLU B 162 20.48 -15.09 -9.34
CA GLU B 162 21.69 -14.25 -9.14
C GLU B 162 22.32 -13.95 -10.49
N ARG B 163 23.07 -12.85 -10.57
CA ARG B 163 23.96 -12.57 -11.72
C ARG B 163 25.31 -12.16 -11.16
N THR B 164 26.35 -12.88 -11.56
CA THR B 164 27.75 -12.40 -11.60
C THR B 164 28.18 -12.26 -13.06
N GLU B 165 29.28 -11.56 -13.31
CA GLU B 165 30.03 -11.65 -14.59
C GLU B 165 30.13 -13.14 -14.96
N LYS B 166 30.07 -14.01 -13.95
CA LYS B 166 30.60 -15.40 -14.00
C LYS B 166 29.47 -16.35 -14.38
N GLU B 167 28.25 -16.15 -13.88
CA GLU B 167 27.11 -16.99 -14.29
C GLU B 167 25.78 -16.53 -13.68
N VAL B 168 24.67 -16.91 -14.34
CA VAL B 168 23.25 -16.78 -13.91
C VAL B 168 22.88 -18.03 -13.10
N ILE B 169 22.48 -17.87 -11.82
CA ILE B 169 22.09 -18.98 -10.90
C ILE B 169 20.65 -18.82 -10.47
N PHE B 170 19.90 -19.91 -10.55
CA PHE B 170 18.46 -19.98 -10.29
C PHE B 170 18.21 -20.78 -9.02
N TYR B 171 17.21 -20.32 -8.26
CA TYR B 171 16.76 -21.01 -7.03
C TYR B 171 15.26 -20.90 -6.84
N VAL B 172 14.77 -21.81 -6.01
CA VAL B 172 13.35 -22.08 -5.68
C VAL B 172 13.31 -22.43 -4.21
N ASP B 173 12.75 -21.54 -3.39
CA ASP B 173 12.59 -21.68 -1.91
C ASP B 173 13.98 -21.61 -1.25
N GLY B 174 14.97 -21.08 -2.00
CA GLY B 174 16.36 -20.85 -1.53
C GLY B 174 17.28 -22.06 -1.71
N LYS B 175 17.12 -22.83 -2.78
CA LYS B 175 17.83 -24.10 -3.06
C LYS B 175 18.14 -24.13 -4.57
N GLU B 176 19.43 -24.14 -4.95
CA GLU B 176 19.88 -24.01 -6.37
C GLU B 176 19.19 -25.03 -7.27
N THR B 177 18.49 -24.59 -8.32
CA THR B 177 17.87 -25.50 -9.31
C THR B 177 18.81 -25.73 -10.49
N TRP B 178 19.44 -24.67 -11.02
CA TRP B 178 20.47 -24.75 -12.11
C TRP B 178 21.19 -23.42 -12.30
N ARG B 179 22.02 -23.37 -13.34
CA ARG B 179 22.90 -22.21 -13.70
C ARG B 179 23.30 -22.31 -15.18
N TYR B 180 23.12 -21.20 -15.89
CA TYR B 180 23.68 -20.93 -17.24
C TYR B 180 24.97 -20.19 -16.95
N GLY B 181 26.11 -20.75 -17.38
CA GLY B 181 27.45 -20.22 -17.11
C GLY B 181 27.86 -19.29 -18.23
N ASN B 182 28.62 -18.25 -17.86
CA ASN B 182 29.45 -17.45 -18.79
C ASN B 182 30.55 -18.38 -19.28
N GLN B 183 30.75 -18.46 -20.58
CA GLN B 183 31.74 -19.35 -21.23
C GLN B 183 32.95 -18.56 -21.75
N TYR B 184 32.93 -17.22 -21.82
CA TYR B 184 34.14 -16.42 -22.15
C TYR B 184 34.61 -16.69 -23.59
N LEU B 185 33.64 -16.69 -24.54
CA LEU B 185 33.85 -16.81 -26.03
C LEU B 185 33.99 -15.40 -26.57
N ASP B 186 34.51 -15.21 -27.78
CA ASP B 186 34.42 -13.91 -28.49
C ASP B 186 33.25 -13.10 -27.93
N GLU B 187 33.52 -11.94 -27.35
CA GLU B 187 32.49 -11.14 -26.63
C GLU B 187 31.40 -10.67 -27.60
N GLY B 188 31.49 -11.01 -28.89
CA GLY B 188 30.60 -10.52 -29.95
C GLY B 188 29.51 -11.53 -30.26
N LYS B 189 29.74 -12.78 -29.85
CA LYS B 189 28.81 -13.91 -30.05
C LYS B 189 27.67 -13.79 -29.05
N LEU B 190 27.68 -12.78 -28.18
CA LEU B 190 26.53 -12.33 -27.32
C LEU B 190 26.00 -13.50 -26.47
N GLN B 191 26.94 -14.37 -26.10
CA GLN B 191 26.80 -15.66 -25.38
C GLN B 191 26.22 -15.38 -24.00
N TYR B 192 26.74 -14.33 -23.37
CA TYR B 192 26.57 -13.98 -21.93
C TYR B 192 26.58 -12.47 -21.82
N PRO B 193 25.44 -11.79 -22.03
CA PRO B 193 25.38 -10.35 -21.96
C PRO B 193 24.71 -9.80 -20.70
N PHE B 194 24.57 -10.65 -19.69
CA PHE B 194 23.64 -10.42 -18.55
C PHE B 194 24.24 -9.34 -17.67
N CYS B 195 25.42 -8.82 -18.01
CA CYS B 195 26.03 -7.75 -17.22
C CYS B 195 26.22 -6.50 -18.08
N GLU B 196 25.88 -6.53 -19.35
CA GLU B 196 26.13 -5.35 -20.22
C GLU B 196 24.99 -4.35 -20.04
N TYR B 197 23.95 -4.66 -19.24
CA TYR B 197 22.82 -3.72 -18.99
C TYR B 197 22.24 -3.95 -17.60
N PRO B 198 21.39 -3.04 -17.09
CA PRO B 198 20.60 -3.33 -15.92
C PRO B 198 19.43 -4.19 -16.41
N PHE B 199 19.13 -5.25 -15.67
CA PHE B 199 17.93 -6.07 -15.93
C PHE B 199 16.85 -5.62 -14.96
N ASN B 200 15.60 -5.66 -15.39
CA ASN B 200 14.45 -5.11 -14.64
C ASN B 200 13.73 -6.25 -13.90
N ILE B 201 12.55 -5.94 -13.37
CA ILE B 201 11.56 -6.94 -12.91
C ILE B 201 10.26 -6.77 -13.71
N ILE B 202 9.67 -7.89 -14.11
CA ILE B 202 8.37 -8.00 -14.82
C ILE B 202 7.59 -9.09 -14.10
N LEU B 203 6.35 -8.80 -13.73
CA LEU B 203 5.41 -9.76 -13.08
C LEU B 203 4.09 -9.70 -13.85
N ASN B 204 3.73 -10.77 -14.57
CA ASN B 204 2.52 -10.80 -15.43
C ASN B 204 1.79 -12.12 -15.17
N PHE B 205 0.47 -12.09 -15.26
CA PHE B 205 -0.38 -13.26 -15.59
C PHE B 205 -1.01 -12.97 -16.94
N SER B 206 -0.29 -13.33 -17.99
CA SER B 206 -0.81 -13.22 -19.35
C SER B 206 -1.56 -14.52 -19.63
N LEU B 207 -2.43 -14.45 -20.67
CA LEU B 207 -3.16 -15.57 -21.30
C LEU B 207 -2.60 -15.74 -22.70
N GLY B 208 -2.57 -17.01 -23.09
CA GLY B 208 -1.85 -17.44 -24.27
C GLY B 208 -2.74 -17.34 -25.47
N GLY B 209 -3.43 -18.48 -25.71
CA GLY B 209 -4.32 -18.74 -26.86
C GLY B 209 -3.63 -18.77 -28.21
N GLU B 210 -4.42 -18.74 -29.27
CA GLU B 210 -3.94 -18.60 -30.65
C GLU B 210 -3.43 -17.17 -30.87
N LEU B 211 -2.17 -16.98 -31.31
CA LEU B 211 -1.65 -15.65 -31.78
C LEU B 211 -1.61 -15.56 -33.33
N ASN B 212 -2.73 -15.11 -33.89
CA ASN B 212 -2.91 -14.69 -35.30
C ASN B 212 -3.06 -15.97 -36.11
N GLY B 213 -3.87 -16.90 -35.60
CA GLY B 213 -3.93 -18.27 -36.11
C GLY B 213 -3.06 -19.18 -35.26
N ARG B 214 -1.75 -19.22 -35.54
CA ARG B 214 -0.75 -19.99 -34.75
C ARG B 214 -1.22 -20.12 -33.28
N MET B 215 -1.09 -21.32 -32.70
CA MET B 215 -1.16 -21.51 -31.22
C MET B 215 0.23 -21.30 -30.62
N THR B 216 0.25 -20.82 -29.39
CA THR B 216 1.47 -20.41 -28.65
C THR B 216 1.92 -21.58 -27.78
N TRP B 217 3.02 -21.38 -27.05
CA TRP B 217 3.60 -22.34 -26.08
C TRP B 217 2.63 -22.63 -24.92
N SER B 218 1.74 -21.71 -24.61
CA SER B 218 0.87 -21.70 -23.40
C SER B 218 -0.37 -22.56 -23.59
N GLY B 219 -0.60 -22.94 -24.84
CA GLY B 219 -1.72 -23.77 -25.31
C GLY B 219 -2.91 -22.94 -25.71
N GLU B 220 -4.10 -23.46 -25.45
CA GLU B 220 -5.37 -22.76 -25.72
C GLU B 220 -6.16 -22.56 -24.44
N ILE B 221 -7.04 -21.57 -24.46
CA ILE B 221 -7.57 -20.93 -23.23
C ILE B 221 -8.94 -21.53 -22.93
N CYS B 222 -9.15 -22.15 -21.78
CA CYS B 222 -10.49 -22.68 -21.42
C CYS B 222 -11.22 -21.70 -20.49
N ASP B 223 -12.08 -20.84 -21.07
CA ASP B 223 -12.76 -19.67 -20.44
C ASP B 223 -13.40 -20.11 -19.11
N GLU B 224 -14.11 -21.24 -19.14
CA GLU B 224 -14.40 -22.18 -18.02
C GLU B 224 -13.66 -21.77 -16.73
N ASP B 225 -12.35 -21.62 -16.79
CA ASP B 225 -11.44 -21.53 -15.61
C ASP B 225 -11.35 -20.10 -15.08
N LEU B 226 -11.01 -19.14 -15.94
CA LEU B 226 -10.89 -17.69 -15.59
C LEU B 226 -11.96 -17.27 -14.58
N PRO B 227 -11.71 -16.28 -13.68
CA PRO B 227 -10.46 -15.51 -13.66
C PRO B 227 -9.32 -16.31 -12.99
N GLY B 228 -8.08 -15.83 -13.25
CA GLY B 228 -6.81 -16.32 -12.70
C GLY B 228 -5.95 -15.17 -12.19
N GLU B 229 -5.48 -15.27 -10.95
CA GLU B 229 -4.64 -14.24 -10.31
C GLU B 229 -3.25 -14.86 -10.08
N MET B 230 -2.19 -14.05 -10.15
CA MET B 230 -0.90 -14.34 -9.47
C MET B 230 -0.82 -13.38 -8.30
N TRP B 231 -0.65 -13.92 -7.09
CA TRP B 231 -0.40 -13.08 -5.91
C TRP B 231 1.12 -13.08 -5.63
N VAL B 232 1.71 -11.89 -5.80
CA VAL B 232 3.14 -11.57 -5.56
C VAL B 232 3.23 -10.92 -4.18
N ASP B 233 3.49 -11.73 -3.14
CA ASP B 233 3.67 -11.20 -1.77
C ASP B 233 4.77 -10.10 -1.75
N TRP B 234 5.98 -10.35 -2.29
CA TRP B 234 7.10 -9.37 -2.24
C TRP B 234 8.23 -9.64 -3.24
N VAL B 235 8.98 -8.57 -3.51
CA VAL B 235 10.07 -8.44 -4.51
C VAL B 235 11.24 -7.72 -3.83
N ARG B 236 12.36 -8.43 -3.66
CA ARG B 236 13.57 -7.95 -2.95
C ARG B 236 14.74 -8.16 -3.92
N VAL B 237 15.56 -7.13 -4.11
CA VAL B 237 16.86 -7.28 -4.82
C VAL B 237 17.94 -6.95 -3.81
N VAL B 238 18.85 -7.92 -3.60
CA VAL B 238 19.97 -7.92 -2.62
C VAL B 238 21.28 -7.77 -3.38
N SER B 239 22.35 -7.33 -2.74
CA SER B 239 23.71 -7.42 -3.32
C SER B 239 24.51 -8.51 -2.61
N LEU B 240 25.28 -9.24 -3.41
CA LEU B 240 26.21 -10.32 -2.99
C LEU B 240 27.56 -9.69 -2.69
N ASN B 241 28.34 -10.35 -1.81
CA ASN B 241 29.52 -9.73 -1.17
C ASN B 241 30.50 -10.85 -0.87
N SER C 1 2.88 34.12 -14.87
CA SER C 1 3.83 33.77 -13.75
C SER C 1 3.30 32.59 -12.88
N VAL C 2 3.75 31.34 -13.08
CA VAL C 2 2.99 30.07 -12.75
C VAL C 2 3.48 29.40 -11.45
N LEU C 3 2.69 29.42 -10.37
CA LEU C 3 3.05 28.76 -9.07
C LEU C 3 2.89 27.22 -9.19
N PHE C 4 2.04 26.71 -10.09
CA PHE C 4 1.85 25.24 -10.34
C PHE C 4 1.09 25.03 -11.64
N VAL C 5 1.23 23.84 -12.25
CA VAL C 5 0.56 23.46 -13.53
C VAL C 5 0.57 21.94 -13.77
N ASP C 6 -0.42 21.44 -14.51
CA ASP C 6 -0.56 20.00 -14.87
C ASP C 6 -1.44 19.95 -16.14
N SER C 7 -0.91 19.47 -17.26
CA SER C 7 -1.65 19.43 -18.55
C SER C 7 -2.08 17.99 -18.86
N PHE C 8 -1.78 17.10 -17.89
CA PHE C 8 -2.16 15.67 -17.88
C PHE C 8 -1.49 15.00 -19.05
N ASP C 9 -0.22 15.30 -19.22
CA ASP C 9 0.58 14.89 -20.39
C ASP C 9 1.62 13.91 -19.89
N GLY C 10 1.33 13.27 -18.76
CA GLY C 10 2.20 12.26 -18.09
C GLY C 10 2.54 11.05 -18.97
N SER C 11 3.57 10.31 -18.51
CA SER C 11 3.87 8.90 -18.88
C SER C 11 2.71 8.04 -18.40
N SER C 12 2.29 8.29 -17.15
CA SER C 12 1.33 7.52 -16.31
C SER C 12 -0.11 7.58 -16.85
N VAL C 13 -0.87 6.57 -16.46
CA VAL C 13 -2.30 6.39 -16.80
C VAL C 13 -3.11 6.90 -15.61
N VAL C 14 -2.41 7.32 -14.55
CA VAL C 14 -3.01 7.87 -13.30
C VAL C 14 -2.34 9.20 -13.03
N PRO C 15 -3.14 10.13 -12.47
CA PRO C 15 -2.71 11.53 -12.25
C PRO C 15 -1.68 11.63 -11.12
N ASP C 16 -0.65 12.44 -11.39
CA ASP C 16 0.56 12.65 -10.56
C ASP C 16 0.15 12.60 -9.08
N THR C 17 0.66 11.60 -8.36
CA THR C 17 0.22 11.18 -7.00
C THR C 17 0.94 12.03 -5.95
N ALA C 18 2.13 12.49 -6.31
CA ALA C 18 2.80 13.62 -5.62
C ALA C 18 1.77 14.71 -5.31
N VAL C 19 0.88 15.01 -6.25
CA VAL C 19 -0.19 16.05 -6.14
C VAL C 19 -1.61 15.47 -5.95
N TRP C 20 -2.16 14.77 -6.93
CA TRP C 20 -3.60 14.38 -6.91
C TRP C 20 -3.82 13.18 -6.01
N LYS C 21 -4.84 13.28 -5.13
CA LYS C 21 -5.43 12.18 -4.32
C LYS C 21 -6.81 11.85 -4.83
N LEU C 22 -7.21 10.62 -4.63
CA LEU C 22 -8.54 10.16 -5.06
C LEU C 22 -9.57 10.61 -4.00
N CYS C 23 -10.76 11.03 -4.48
CA CYS C 23 -11.88 11.52 -3.64
C CYS C 23 -12.46 10.36 -2.84
N THR C 24 -13.07 10.67 -1.72
CA THR C 24 -13.38 9.71 -0.64
C THR C 24 -14.84 9.86 -0.23
N TYR C 25 -15.48 8.78 0.24
CA TYR C 25 -16.87 8.72 0.77
C TYR C 25 -17.04 9.73 1.88
N ALA C 26 -18.09 10.53 1.75
CA ALA C 26 -18.68 11.39 2.82
C ALA C 26 -20.21 11.26 2.81
N ASN C 27 -20.88 11.35 3.96
CA ASN C 27 -22.35 11.21 4.04
C ASN C 27 -23.04 12.42 3.40
N ASN C 28 -22.48 13.00 2.34
CA ASN C 28 -22.95 14.25 1.70
C ASN C 28 -23.22 13.96 0.21
N ALA C 29 -23.87 14.88 -0.54
CA ALA C 29 -24.48 14.68 -1.89
C ALA C 29 -23.46 14.24 -2.94
N TRP C 30 -22.39 15.02 -3.05
CA TRP C 30 -21.31 14.77 -4.02
C TRP C 30 -20.49 13.56 -3.56
N SER C 31 -20.05 13.57 -2.30
CA SER C 31 -19.05 12.58 -1.82
C SER C 31 -19.73 11.23 -1.56
N GLN C 32 -21.04 11.10 -1.76
CA GLN C 32 -21.80 9.90 -1.35
C GLN C 32 -21.28 8.70 -2.13
N TRP C 33 -21.44 8.74 -3.44
CA TRP C 33 -21.23 7.57 -4.34
C TRP C 33 -19.75 7.39 -4.70
N PHE C 34 -18.82 7.78 -3.83
CA PHE C 34 -17.40 7.39 -3.93
C PHE C 34 -17.23 6.07 -3.19
N ARG C 35 -17.93 5.78 -2.09
CA ARG C 35 -17.63 4.49 -1.44
C ARG C 35 -17.96 3.47 -2.51
N ASP C 36 -17.14 2.41 -2.57
CA ASP C 36 -17.22 1.26 -3.52
C ASP C 36 -16.61 1.66 -4.88
N VAL C 37 -15.93 2.80 -4.96
CA VAL C 37 -15.12 3.13 -6.16
C VAL C 37 -13.75 2.50 -5.98
N ASN C 38 -13.38 1.66 -6.93
CA ASN C 38 -12.17 0.82 -6.86
C ASN C 38 -11.03 1.61 -7.48
N GLY C 39 -10.11 2.05 -6.62
CA GLY C 39 -8.85 2.71 -7.00
C GLY C 39 -9.15 3.83 -7.95
N TYR C 40 -8.71 3.63 -9.20
CA TYR C 40 -8.74 4.68 -10.26
C TYR C 40 -9.71 4.26 -11.35
N GLU C 41 -10.72 3.43 -11.08
CA GLU C 41 -11.54 2.86 -12.18
C GLU C 41 -12.36 4.00 -12.82
N ASN C 42 -12.52 5.13 -12.14
CA ASN C 42 -13.40 6.20 -12.65
C ASN C 42 -12.55 7.42 -13.01
N VAL C 43 -11.22 7.30 -12.90
CA VAL C 43 -10.23 8.41 -13.03
C VAL C 43 -9.09 7.93 -13.94
N LYS C 44 -8.88 8.53 -15.12
CA LYS C 44 -7.65 8.22 -15.87
C LYS C 44 -7.16 9.44 -16.61
N VAL C 45 -5.88 9.38 -16.95
CA VAL C 45 -5.10 10.40 -17.68
C VAL C 45 -4.80 9.75 -19.01
N GLU C 46 -5.24 10.36 -20.09
CA GLU C 46 -5.23 9.69 -21.42
C GLU C 46 -5.43 10.80 -22.42
N ASP C 47 -4.63 10.78 -23.48
CA ASP C 47 -4.69 11.74 -24.59
C ASP C 47 -4.62 13.14 -24.03
N GLY C 48 -3.90 13.41 -22.94
CA GLY C 48 -3.64 14.79 -22.45
C GLY C 48 -4.77 15.46 -21.64
N TYR C 49 -5.88 14.76 -21.40
CA TYR C 49 -6.92 15.13 -20.42
C TYR C 49 -6.85 14.18 -19.23
N LEU C 50 -7.21 14.70 -18.05
CA LEU C 50 -7.68 13.93 -16.87
C LEU C 50 -9.19 13.74 -17.01
N LYS C 51 -9.58 12.54 -17.43
CA LYS C 51 -10.98 12.09 -17.68
C LYS C 51 -11.60 11.50 -16.39
N LEU C 52 -12.56 12.18 -15.80
CA LEU C 52 -13.30 11.69 -14.62
C LEU C 52 -14.64 11.14 -15.08
N ARG C 53 -14.96 9.91 -14.69
CA ARG C 53 -16.16 9.19 -15.19
C ARG C 53 -17.13 9.06 -14.02
N ALA C 54 -18.42 9.19 -14.30
CA ALA C 54 -19.48 8.62 -13.46
C ALA C 54 -20.24 7.60 -14.30
N CYS C 55 -20.50 6.42 -13.74
CA CYS C 55 -21.20 5.31 -14.41
C CYS C 55 -22.12 4.70 -13.38
N LYS C 56 -23.09 3.88 -13.78
CA LYS C 56 -23.82 3.05 -12.80
C LYS C 56 -23.30 1.63 -12.91
N ASP C 57 -22.06 1.40 -12.50
CA ASP C 57 -21.44 0.07 -12.71
C ASP C 57 -22.19 -0.96 -11.84
N ASN C 58 -22.31 -2.15 -12.42
CA ASN C 58 -23.22 -3.26 -12.06
C ASN C 58 -23.98 -2.82 -10.83
N GLY C 59 -25.26 -2.54 -10.95
CA GLY C 59 -26.04 -2.28 -9.74
C GLY C 59 -25.87 -0.85 -9.28
N THR C 60 -24.74 -0.48 -8.65
CA THR C 60 -24.67 0.78 -7.86
C THR C 60 -23.68 1.80 -8.45
N TYR C 61 -23.97 3.08 -8.20
CA TYR C 61 -23.37 4.28 -8.84
C TYR C 61 -21.96 4.51 -8.35
N LYS C 62 -21.17 5.23 -9.14
CA LYS C 62 -19.73 5.49 -8.93
C LYS C 62 -19.32 6.85 -9.50
N ASN C 63 -18.79 7.69 -8.61
CA ASN C 63 -18.28 9.06 -8.88
C ASN C 63 -16.81 8.96 -9.34
N GLY C 64 -16.31 9.93 -10.10
CA GLY C 64 -14.88 10.03 -10.40
C GLY C 64 -14.36 11.35 -9.90
N GLY C 65 -13.29 11.34 -9.10
CA GLY C 65 -12.80 12.58 -8.47
C GLY C 65 -11.35 12.56 -8.02
N VAL C 66 -10.76 13.74 -7.96
CA VAL C 66 -9.45 13.91 -7.28
C VAL C 66 -9.42 15.30 -6.65
N PHE C 67 -8.43 15.53 -5.78
CA PHE C 67 -8.12 16.86 -5.21
C PHE C 67 -6.62 16.98 -4.91
N SER C 68 -6.11 18.19 -4.98
CA SER C 68 -4.72 18.53 -4.67
C SER C 68 -4.40 18.26 -3.20
N LYS C 69 -3.34 17.47 -2.93
CA LYS C 69 -2.66 17.36 -1.62
C LYS C 69 -2.24 18.77 -1.19
N ILE C 70 -2.03 19.66 -2.15
CA ILE C 70 -1.39 20.99 -1.99
C ILE C 70 -2.44 22.09 -2.14
N GLY C 71 -2.43 23.07 -1.24
CA GLY C 71 -3.30 24.26 -1.30
C GLY C 71 -2.55 25.47 -1.80
N PHE C 72 -3.19 26.63 -1.94
CA PHE C 72 -2.59 27.88 -2.51
C PHE C 72 -2.98 29.09 -1.69
N PRO C 73 -2.04 30.01 -1.40
CA PRO C 73 -2.34 31.22 -0.62
C PRO C 73 -3.12 32.24 -1.45
N CYS C 74 -3.85 33.16 -0.82
CA CYS C 74 -4.53 34.27 -1.54
C CYS C 74 -3.49 34.88 -2.50
N GLY C 75 -3.90 35.86 -3.31
CA GLY C 75 -3.07 36.46 -4.38
C GLY C 75 -2.72 35.47 -5.48
N THR C 76 -3.57 34.46 -5.71
CA THR C 76 -3.41 33.45 -6.80
C THR C 76 -4.54 33.56 -7.83
N ARG C 77 -4.41 32.88 -8.96
CA ARG C 77 -5.56 32.55 -9.82
C ARG C 77 -5.48 31.10 -10.28
N LEU C 78 -6.55 30.34 -10.05
CA LEU C 78 -6.79 29.00 -10.62
C LEU C 78 -7.47 29.15 -11.97
N GLU C 79 -6.84 28.63 -13.00
CA GLU C 79 -7.48 28.44 -14.31
C GLU C 79 -7.63 26.95 -14.53
N VAL C 80 -8.85 26.47 -14.80
CA VAL C 80 -9.09 25.05 -15.22
C VAL C 80 -9.93 25.05 -16.51
N LYS C 81 -9.36 24.50 -17.58
CA LYS C 81 -9.98 24.34 -18.92
C LYS C 81 -10.60 22.96 -19.00
N ALA C 82 -11.89 22.87 -19.32
CA ALA C 82 -12.64 21.60 -19.20
C ALA C 82 -13.95 21.62 -19.97
N ARG C 83 -14.32 20.43 -20.47
CA ARG C 83 -15.60 20.16 -21.16
C ARG C 83 -16.24 18.93 -20.53
N LEU C 84 -17.56 18.85 -20.59
CA LEU C 84 -18.26 17.59 -20.27
C LEU C 84 -18.38 16.80 -21.57
N THR C 85 -18.35 15.47 -21.49
CA THR C 85 -18.56 14.61 -22.68
C THR C 85 -19.98 14.86 -23.17
N LYS C 86 -20.97 14.57 -22.34
CA LYS C 86 -22.39 14.82 -22.65
C LYS C 86 -23.02 15.43 -21.42
N LEU C 87 -24.27 15.82 -21.58
CA LEU C 87 -25.16 16.26 -20.48
C LEU C 87 -25.71 15.00 -19.79
N VAL C 88 -25.42 14.76 -18.52
CA VAL C 88 -26.03 13.57 -17.90
C VAL C 88 -27.10 14.00 -16.93
N ARG C 89 -28.30 13.45 -17.02
CA ARG C 89 -29.37 13.79 -16.06
C ARG C 89 -29.04 13.16 -14.69
N GLY C 90 -28.84 13.98 -13.66
CA GLY C 90 -28.38 13.48 -12.36
C GLY C 90 -26.86 13.48 -12.35
N GLY C 91 -26.28 14.03 -13.42
CA GLY C 91 -24.88 14.48 -13.42
C GLY C 91 -24.68 15.64 -12.46
N PHE C 92 -23.50 15.66 -11.83
CA PHE C 92 -23.12 16.66 -10.81
C PHE C 92 -21.60 16.86 -10.81
N PRO C 93 -21.07 17.34 -11.95
CA PRO C 93 -19.64 17.56 -12.11
C PRO C 93 -19.32 18.90 -11.46
N ALA C 94 -18.09 19.09 -10.98
CA ALA C 94 -17.68 20.32 -10.26
C ALA C 94 -16.19 20.56 -10.36
N ILE C 95 -15.82 21.82 -10.58
CA ILE C 95 -14.44 22.34 -10.47
C ILE C 95 -14.47 23.37 -9.36
N TRP C 96 -13.96 22.99 -8.19
CA TRP C 96 -14.03 23.83 -6.96
C TRP C 96 -12.74 23.72 -6.16
N GLN C 97 -12.60 24.62 -5.19
CA GLN C 97 -11.48 24.71 -4.23
C GLN C 97 -12.06 24.68 -2.80
N MET C 98 -11.31 24.12 -1.86
CA MET C 98 -11.71 23.92 -0.46
C MET C 98 -10.52 24.23 0.44
N PRO C 99 -10.68 24.77 1.66
CA PRO C 99 -9.51 25.15 2.47
C PRO C 99 -8.88 23.93 3.12
N ILE C 100 -7.56 23.85 3.12
CA ILE C 100 -6.75 22.77 3.75
C ILE C 100 -6.74 23.05 5.27
N GLY C 101 -7.24 22.11 6.09
CA GLY C 101 -7.18 22.13 7.57
C GLY C 101 -7.91 23.34 8.12
N ALA C 102 -9.16 23.54 7.72
CA ALA C 102 -10.04 24.61 8.23
C ALA C 102 -10.69 24.13 9.53
N PRO C 103 -11.67 24.88 10.08
CA PRO C 103 -12.71 24.31 10.95
C PRO C 103 -13.85 23.77 10.07
N GLU C 104 -14.76 22.97 10.64
CA GLU C 104 -15.82 22.22 9.89
C GLU C 104 -16.48 23.14 8.87
N TRP C 105 -16.76 22.62 7.67
CA TRP C 105 -17.43 23.34 6.54
C TRP C 105 -18.66 24.07 7.08
N PRO C 106 -19.13 25.24 6.52
CA PRO C 106 -18.38 26.12 5.63
C PRO C 106 -17.66 27.27 6.36
N ARG C 107 -17.24 27.03 7.60
CA ARG C 107 -16.59 28.05 8.47
C ARG C 107 -15.44 28.70 7.71
N GLY C 108 -14.67 27.84 7.02
CA GLY C 108 -13.40 28.16 6.35
C GLY C 108 -13.57 28.30 4.85
N GLY C 109 -14.80 28.31 4.36
CA GLY C 109 -15.10 28.75 2.98
C GLY C 109 -15.23 27.57 2.03
N GLU C 110 -15.73 27.86 0.82
CA GLU C 110 -15.81 26.96 -0.37
C GLU C 110 -15.94 27.87 -1.62
N ILE C 111 -15.13 27.66 -2.64
CA ILE C 111 -15.26 28.40 -3.94
C ILE C 111 -15.65 27.39 -5.01
N ASP C 112 -16.62 27.72 -5.86
CA ASP C 112 -17.08 26.81 -6.94
C ASP C 112 -16.83 27.50 -8.28
N LEU C 113 -15.80 27.04 -9.02
CA LEU C 113 -15.37 27.65 -10.31
C LEU C 113 -16.36 27.22 -11.39
N MET C 114 -16.93 26.04 -11.21
CA MET C 114 -17.92 25.44 -12.15
C MET C 114 -18.64 24.28 -11.45
N GLU C 115 -19.98 24.34 -11.42
CA GLU C 115 -20.85 23.20 -11.10
C GLU C 115 -21.97 23.21 -12.13
N TRP C 116 -22.34 22.04 -12.66
CA TRP C 116 -23.47 21.88 -13.62
C TRP C 116 -24.53 20.94 -13.05
N VAL C 117 -25.75 21.42 -13.01
CA VAL C 117 -26.92 20.60 -12.62
C VAL C 117 -27.87 20.56 -13.81
N GLN C 118 -28.57 19.44 -13.87
CA GLN C 118 -29.54 18.99 -14.91
C GLN C 118 -30.75 19.93 -15.06
N GLY C 119 -31.05 20.71 -14.04
CA GLY C 119 -32.20 21.63 -14.02
C GLY C 119 -31.99 22.88 -14.86
N THR C 120 -30.78 23.40 -14.93
CA THR C 120 -30.43 24.59 -15.74
C THR C 120 -29.34 24.13 -16.68
N PRO C 121 -29.76 23.45 -17.78
CA PRO C 121 -28.85 22.63 -18.56
C PRO C 121 -28.03 23.52 -19.48
N LEU C 122 -28.47 24.75 -19.78
CA LEU C 122 -27.69 25.68 -20.64
C LEU C 122 -27.01 26.73 -19.75
N GLN C 123 -26.53 26.31 -18.58
CA GLN C 123 -25.96 27.23 -17.58
C GLN C 123 -25.17 26.45 -16.53
N ILE C 124 -24.02 27.03 -16.18
CA ILE C 124 -23.23 26.55 -15.03
C ILE C 124 -23.34 27.56 -13.88
N TYR C 125 -22.84 27.14 -12.71
CA TYR C 125 -22.83 27.90 -11.45
C TYR C 125 -21.39 28.20 -11.03
N GLN C 126 -21.07 29.49 -10.93
CA GLN C 126 -19.91 30.04 -10.18
C GLN C 126 -20.43 30.62 -8.87
N THR C 127 -20.08 29.97 -7.76
CA THR C 127 -20.76 30.11 -6.46
C THR C 127 -19.73 30.18 -5.33
N VAL C 128 -20.18 30.66 -4.19
CA VAL C 128 -19.30 30.89 -3.02
C VAL C 128 -20.13 30.48 -1.83
N HIS C 129 -19.52 29.85 -0.81
CA HIS C 129 -20.15 29.47 0.48
C HIS C 129 -19.26 29.98 1.61
N THR C 130 -19.82 30.52 2.69
CA THR C 130 -19.14 30.70 4.01
C THR C 130 -20.19 30.51 5.11
N TYR C 131 -19.76 30.42 6.38
CA TYR C 131 -20.68 30.33 7.54
C TYR C 131 -21.33 31.69 7.79
N TYR C 132 -21.05 32.71 6.97
CA TYR C 132 -21.90 33.92 6.88
C TYR C 132 -23.12 33.62 6.00
N ILE C 133 -22.88 33.13 4.80
CA ILE C 133 -23.95 32.93 3.79
C ILE C 133 -24.96 31.98 4.43
N ASN C 134 -24.46 30.85 4.95
CA ASN C 134 -25.10 29.50 4.92
C ASN C 134 -25.54 29.13 6.34
N GLY C 135 -24.57 28.87 7.22
CA GLY C 135 -24.76 28.10 8.46
C GLY C 135 -24.61 26.59 8.24
N ALA C 136 -24.92 25.79 9.29
CA ALA C 136 -25.15 24.32 9.23
C ALA C 136 -26.11 24.02 8.06
N ASN C 137 -27.40 24.40 8.22
CA ASN C 137 -28.44 24.62 7.18
C ASN C 137 -27.75 24.93 5.84
N GLY C 138 -28.06 26.08 5.23
CA GLY C 138 -27.51 26.52 3.93
C GLY C 138 -26.48 25.57 3.33
N SER C 139 -26.82 25.01 2.16
CA SER C 139 -25.92 24.73 1.01
C SER C 139 -26.18 25.83 -0.01
N ALA C 140 -27.02 26.80 0.39
CA ALA C 140 -27.49 27.95 -0.39
C ALA C 140 -26.36 28.45 -1.31
N GLY C 141 -25.34 29.10 -0.75
CA GLY C 141 -24.28 29.83 -1.47
C GLY C 141 -24.82 31.08 -2.14
N VAL C 142 -23.95 32.07 -2.37
CA VAL C 142 -24.19 33.23 -3.26
C VAL C 142 -23.63 32.88 -4.62
N THR C 143 -24.44 32.94 -5.67
CA THR C 143 -24.01 32.57 -7.05
C THR C 143 -24.22 33.79 -7.95
N ASN C 144 -23.39 33.93 -8.98
CA ASN C 144 -23.57 34.94 -10.05
C ASN C 144 -25.08 35.21 -10.15
N LYS C 145 -25.52 36.45 -9.99
CA LYS C 145 -26.97 36.78 -10.10
C LYS C 145 -27.42 36.56 -11.56
N ASN C 146 -26.55 36.78 -12.55
CA ASN C 146 -26.84 36.83 -14.02
C ASN C 146 -25.87 35.98 -14.83
N PRO C 147 -25.95 34.64 -14.78
CA PRO C 147 -25.04 33.85 -15.59
C PRO C 147 -25.59 33.67 -17.00
N ASP C 148 -24.67 33.34 -17.90
CA ASP C 148 -24.91 32.95 -19.29
C ASP C 148 -25.87 31.76 -19.19
N LYS C 149 -27.15 32.01 -19.49
CA LYS C 149 -28.26 31.03 -19.51
C LYS C 149 -28.48 30.56 -20.95
N ASN C 150 -27.45 30.65 -21.77
CA ASN C 150 -27.32 29.93 -23.06
C ASN C 150 -25.86 29.48 -23.19
N PHE C 151 -25.49 28.47 -22.41
CA PHE C 151 -24.09 27.96 -22.25
C PHE C 151 -24.01 26.48 -22.62
N ASP C 152 -22.96 26.16 -23.37
CA ASP C 152 -22.70 24.77 -23.75
C ASP C 152 -21.56 24.33 -22.84
N VAL C 153 -21.83 23.44 -21.89
CA VAL C 153 -20.84 22.97 -20.89
C VAL C 153 -19.94 21.93 -21.57
N THR C 154 -20.46 21.34 -22.67
CA THR C 154 -19.88 20.20 -23.45
C THR C 154 -18.77 20.65 -24.43
N LYS C 155 -18.56 21.95 -24.59
CA LYS C 155 -17.38 22.56 -25.26
C LYS C 155 -16.34 22.88 -24.18
N ASP C 156 -15.05 22.84 -24.54
CA ASP C 156 -13.93 23.31 -23.67
C ASP C 156 -14.31 24.73 -23.22
N HIS C 157 -13.97 25.13 -22.00
CA HIS C 157 -14.15 26.50 -21.47
C HIS C 157 -13.13 26.68 -20.36
N VAL C 158 -12.65 27.90 -20.10
CA VAL C 158 -11.63 28.16 -19.05
C VAL C 158 -12.32 28.84 -17.89
N TYR C 159 -12.86 27.97 -17.02
CA TYR C 159 -13.32 28.32 -15.66
C TYR C 159 -12.07 28.74 -14.86
N ALA C 160 -12.18 29.89 -14.20
CA ALA C 160 -11.06 30.59 -13.58
C ALA C 160 -11.60 31.38 -12.38
N VAL C 161 -10.82 31.57 -11.31
CA VAL C 161 -11.19 32.46 -10.16
C VAL C 161 -9.92 32.98 -9.49
N GLU C 162 -10.03 34.14 -8.83
CA GLU C 162 -8.93 34.82 -8.12
C GLU C 162 -9.27 35.04 -6.65
N ARG C 163 -8.25 35.29 -5.81
CA ARG C 163 -8.40 35.56 -4.35
C ARG C 163 -7.52 36.75 -3.95
N THR C 164 -8.07 37.72 -3.24
CA THR C 164 -7.30 38.72 -2.46
C THR C 164 -8.09 38.98 -1.19
N GLU C 165 -7.78 40.04 -0.44
CA GLU C 165 -8.71 40.57 0.58
C GLU C 165 -9.85 41.24 -0.21
N LYS C 166 -9.52 42.30 -0.95
CA LYS C 166 -10.34 42.87 -2.08
C LYS C 166 -11.60 42.01 -2.20
N GLU C 167 -11.43 40.83 -2.82
CA GLU C 167 -12.52 39.87 -3.09
C GLU C 167 -11.98 38.63 -3.82
N VAL C 168 -12.94 37.74 -4.07
CA VAL C 168 -12.96 36.57 -4.98
C VAL C 168 -13.50 37.02 -6.34
N ILE C 169 -12.85 36.62 -7.43
CA ILE C 169 -13.24 37.08 -8.80
C ILE C 169 -13.23 35.87 -9.74
N PHE C 170 -14.42 35.57 -10.28
CA PHE C 170 -14.72 34.43 -11.17
C PHE C 170 -14.78 34.89 -12.63
N TYR C 171 -14.07 34.17 -13.50
CA TYR C 171 -14.06 34.32 -14.97
C TYR C 171 -14.53 33.01 -15.67
N VAL C 172 -15.06 33.17 -16.88
CA VAL C 172 -15.47 32.07 -17.80
C VAL C 172 -14.93 32.43 -19.18
N ASP C 173 -13.88 31.72 -19.64
CA ASP C 173 -13.16 31.99 -20.93
C ASP C 173 -12.41 33.33 -20.78
N GLY C 174 -11.77 33.51 -19.62
CA GLY C 174 -10.90 34.67 -19.33
C GLY C 174 -11.60 36.01 -19.43
N LYS C 175 -12.93 36.06 -19.21
CA LYS C 175 -13.75 37.30 -19.10
C LYS C 175 -14.57 37.23 -17.80
N GLU C 176 -14.20 38.01 -16.79
CA GLU C 176 -14.85 38.11 -15.45
C GLU C 176 -16.38 38.02 -15.57
N THR C 177 -17.01 37.26 -14.67
CA THR C 177 -18.48 36.99 -14.60
C THR C 177 -19.12 37.62 -13.34
N TRP C 178 -18.41 37.72 -12.21
CA TRP C 178 -18.85 38.46 -10.99
C TRP C 178 -17.85 38.22 -9.86
N ARG C 179 -18.05 38.86 -8.69
CA ARG C 179 -17.10 38.89 -7.54
C ARG C 179 -17.85 38.96 -6.20
N TYR C 180 -17.52 38.12 -5.21
CA TYR C 180 -18.02 38.25 -3.81
C TYR C 180 -16.89 38.90 -3.01
N GLY C 181 -17.14 40.01 -2.29
CA GLY C 181 -16.12 40.93 -1.74
C GLY C 181 -16.03 40.90 -0.23
N ASN C 182 -14.82 41.05 0.31
CA ASN C 182 -14.55 41.14 1.79
C ASN C 182 -15.16 42.43 2.33
N GLN C 183 -16.21 42.37 3.16
CA GLN C 183 -16.80 43.61 3.77
C GLN C 183 -16.13 43.92 5.13
N TYR C 184 -14.95 43.32 5.42
CA TYR C 184 -14.05 43.47 6.61
C TYR C 184 -14.85 43.62 7.91
N LEU C 185 -15.89 42.81 8.15
CA LEU C 185 -16.67 42.84 9.43
C LEU C 185 -15.82 42.18 10.51
N ASP C 186 -15.90 42.63 11.75
CA ASP C 186 -14.91 42.18 12.76
C ASP C 186 -15.16 40.67 12.92
N GLU C 187 -14.11 39.87 12.70
CA GLU C 187 -14.13 38.50 12.11
C GLU C 187 -15.08 37.52 12.80
N GLY C 188 -15.73 37.94 13.89
CA GLY C 188 -16.84 37.20 14.51
C GLY C 188 -17.55 36.35 13.47
N LYS C 189 -18.10 36.97 12.42
CA LYS C 189 -19.13 36.39 11.51
C LYS C 189 -18.50 35.55 10.40
N LEU C 190 -17.15 35.46 10.34
CA LEU C 190 -16.38 34.61 9.38
C LEU C 190 -16.93 34.81 7.95
N GLN C 191 -17.16 36.07 7.56
CA GLN C 191 -17.81 36.49 6.28
C GLN C 191 -16.89 36.20 5.10
N TYR C 192 -15.58 36.31 5.34
CA TYR C 192 -14.48 36.28 4.33
C TYR C 192 -13.22 35.62 4.91
N PRO C 193 -13.14 34.27 4.92
CA PRO C 193 -11.98 33.53 5.42
C PRO C 193 -11.12 32.89 4.33
N PHE C 194 -11.17 33.48 3.13
CA PHE C 194 -10.67 32.93 1.84
C PHE C 194 -9.14 33.08 1.75
N CYS C 195 -8.50 33.61 2.78
CA CYS C 195 -7.04 33.85 2.79
C CYS C 195 -6.46 33.37 4.11
N GLU C 196 -7.25 32.73 4.97
CA GLU C 196 -6.75 32.28 6.30
C GLU C 196 -6.30 30.82 6.21
N TYR C 197 -6.77 30.11 5.21
CA TYR C 197 -6.42 28.70 4.95
C TYR C 197 -6.02 28.59 3.50
N PRO C 198 -4.98 27.79 3.16
CA PRO C 198 -4.63 27.54 1.76
C PRO C 198 -5.74 26.73 1.05
N PHE C 199 -6.16 27.17 -0.13
CA PHE C 199 -7.24 26.50 -0.90
C PHE C 199 -6.66 25.53 -1.94
N ASN C 200 -7.27 24.36 -2.06
CA ASN C 200 -6.79 23.28 -2.94
C ASN C 200 -7.56 23.38 -4.24
N ILE C 201 -7.59 22.28 -4.98
CA ILE C 201 -8.29 22.13 -6.29
C ILE C 201 -9.03 20.79 -6.29
N ILE C 202 -10.35 20.79 -6.37
CA ILE C 202 -11.15 19.54 -6.52
C ILE C 202 -11.74 19.55 -7.92
N LEU C 203 -11.59 18.41 -8.63
CA LEU C 203 -12.23 18.04 -9.94
C LEU C 203 -12.97 16.70 -9.77
N ASN C 204 -14.31 16.73 -9.68
CA ASN C 204 -15.19 15.54 -9.68
C ASN C 204 -16.17 15.64 -10.83
N PHE C 205 -16.66 14.46 -11.24
CA PHE C 205 -17.95 14.23 -11.92
C PHE C 205 -18.73 13.27 -11.02
N SER C 206 -19.61 13.82 -10.19
CA SER C 206 -20.41 13.02 -9.21
C SER C 206 -21.81 12.76 -9.76
N LEU C 207 -22.46 11.78 -9.15
CA LEU C 207 -23.91 11.52 -9.33
C LEU C 207 -24.65 11.94 -8.06
N GLY C 208 -25.87 12.43 -8.30
CA GLY C 208 -26.68 13.14 -7.31
C GLY C 208 -27.56 12.15 -6.64
N GLY C 209 -28.72 11.95 -7.27
CA GLY C 209 -29.75 10.97 -6.91
C GLY C 209 -30.48 11.42 -5.65
N GLU C 210 -31.01 10.46 -4.90
CA GLU C 210 -31.48 10.64 -3.50
C GLU C 210 -30.29 10.88 -2.55
N LEU C 211 -30.54 11.24 -1.30
CA LEU C 211 -29.51 11.13 -0.24
C LEU C 211 -30.19 10.76 1.09
N ASN C 212 -30.14 9.47 1.44
CA ASN C 212 -30.90 8.95 2.60
C ASN C 212 -32.36 9.34 2.40
N GLY C 213 -32.81 9.47 1.14
CA GLY C 213 -34.25 9.54 0.79
C GLY C 213 -34.81 10.94 0.56
N ARG C 214 -34.09 12.01 0.94
CA ARG C 214 -34.43 13.39 0.50
C ARG C 214 -33.63 13.61 -0.78
N MET C 215 -34.26 14.15 -1.83
CA MET C 215 -33.60 14.31 -3.15
C MET C 215 -32.61 15.45 -3.02
N THR C 216 -31.52 15.41 -3.77
CA THR C 216 -30.50 16.48 -3.74
C THR C 216 -30.70 17.37 -4.95
N TRP C 217 -29.91 18.44 -5.01
CA TRP C 217 -29.84 19.52 -6.04
C TRP C 217 -29.76 18.97 -7.46
N SER C 218 -28.76 18.13 -7.71
CA SER C 218 -28.37 17.62 -9.04
C SER C 218 -29.49 16.76 -9.59
N GLY C 219 -30.33 16.31 -8.66
CA GLY C 219 -31.68 15.78 -8.89
C GLY C 219 -31.68 14.35 -9.39
N GLU C 220 -32.79 13.92 -9.99
CA GLU C 220 -33.03 12.53 -10.40
C GLU C 220 -31.95 12.06 -11.35
N ILE C 221 -31.53 10.80 -11.23
CA ILE C 221 -30.50 10.17 -12.12
C ILE C 221 -31.23 9.38 -13.19
N CYS C 222 -30.92 9.63 -14.47
CA CYS C 222 -31.39 8.82 -15.60
C CYS C 222 -30.26 7.89 -16.07
N ASP C 223 -30.27 6.61 -15.68
CA ASP C 223 -29.18 5.63 -15.94
C ASP C 223 -28.87 5.55 -17.45
N GLU C 224 -29.87 5.22 -18.26
CA GLU C 224 -30.15 5.92 -19.54
C GLU C 224 -28.97 6.75 -20.09
N ASP C 225 -28.47 7.75 -19.37
CA ASP C 225 -27.50 8.74 -19.93
C ASP C 225 -26.08 8.39 -19.54
N LEU C 226 -25.90 7.54 -18.55
CA LEU C 226 -24.55 7.11 -18.12
C LEU C 226 -23.99 6.20 -19.20
N PRO C 227 -22.65 6.06 -19.31
CA PRO C 227 -21.72 6.87 -18.51
C PRO C 227 -21.59 8.30 -19.05
N GLY C 228 -21.08 9.19 -18.18
CA GLY C 228 -20.66 10.59 -18.49
C GLY C 228 -19.29 10.92 -17.94
N GLU C 229 -18.52 11.75 -18.62
CA GLU C 229 -17.15 12.12 -18.19
C GLU C 229 -17.02 13.68 -18.21
N MET C 230 -16.22 14.24 -17.33
CA MET C 230 -15.65 15.59 -17.53
C MET C 230 -14.16 15.40 -17.81
N TRP C 231 -13.67 15.98 -18.90
CA TRP C 231 -12.25 15.91 -19.31
C TRP C 231 -11.55 17.22 -18.92
N VAL C 232 -10.58 17.17 -18.04
CA VAL C 232 -9.86 18.41 -17.65
C VAL C 232 -8.59 18.46 -18.48
N ASP C 233 -8.49 19.45 -19.38
CA ASP C 233 -7.37 19.53 -20.36
C ASP C 233 -6.12 19.94 -19.59
N TRP C 234 -6.26 20.94 -18.73
CA TRP C 234 -5.16 21.38 -17.85
C TRP C 234 -5.68 22.19 -16.66
N VAL C 235 -4.84 22.29 -15.64
CA VAL C 235 -5.06 22.99 -14.34
C VAL C 235 -3.83 23.84 -14.13
N ARG C 236 -3.97 25.13 -13.87
CA ARG C 236 -2.77 25.90 -13.48
C ARG C 236 -3.15 27.01 -12.51
N VAL C 237 -2.16 27.41 -11.70
CA VAL C 237 -2.27 28.45 -10.65
C VAL C 237 -1.15 29.46 -10.88
N VAL C 238 -1.53 30.63 -11.38
CA VAL C 238 -0.68 31.84 -11.57
C VAL C 238 -0.79 32.71 -10.33
N SER C 239 0.22 33.53 -10.01
CA SER C 239 0.08 34.65 -9.04
C SER C 239 0.33 36.01 -9.71
N LEU C 240 -0.21 37.07 -9.10
CA LEU C 240 -0.59 38.31 -9.80
C LEU C 240 0.52 39.36 -9.55
N ASN C 241 0.88 40.16 -10.57
CA ASN C 241 2.06 41.08 -10.61
C ASN C 241 1.59 42.47 -11.08
#